data_4GF9
#
_entry.id   4GF9
#
_cell.length_a   89.620
_cell.length_b   101.880
_cell.length_c   163.313
_cell.angle_alpha   90.00
_cell.angle_beta   90.00
_cell.angle_gamma   90.00
#
_symmetry.space_group_name_H-M   'I 2 2 2'
#
loop_
_entity.id
_entity.type
_entity.pdbx_description
1 polymer 'Peptidoglycan recognition protein 1'
2 non-polymer 'STEARIC ACID'
3 non-polymer '(R)-((2R,3S,4R,5R,6R)-3-HYDROXY-2-(HYDROXYMETHYL)-5-((R)-3-HYDROXYTETRADECANAMIDO)-6-(PHOSPHONOOXY)TETRAHYDRO-2H-PYRAN-4-YL) 3-HYDROXYTETRADECANOATE'
4 non-polymer GLYCEROL
5 water water
#
_entity_poly.entity_id   1
_entity_poly.type   'polypeptide(L)'
_entity_poly.pdbx_seq_one_letter_code
;EDPPACGSIVPRREWRALASECRERLTRPVRYVVVSHTAGSHCDTPASCAQQAQNVQSYHVRNLGWCDVGYNFLIGEDGL
VYEGRGWNIKGAHAGPTWNPISIGISFMGNYMNRVPPPRALRAAQNLLACGVALGALRSNYEVKGHRDVQPTLSPGDRLY
EIIQTWSHYRA
;
_entity_poly.pdbx_strand_id   A,B,C,D
#
loop_
_chem_comp.id
_chem_comp.type
_chem_comp.name
_chem_comp.formula
GOL non-polymer GLYCEROL 'C3 H8 O3'
LP5 non-polymer '(R)-((2R,3S,4R,5R,6R)-3-HYDROXY-2-(HYDROXYMETHYL)-5-((R)-3-HYDROXYTETRADECANAMIDO)-6-(PHOSPHONOOXY)TETRAHYDRO-2H-PYRAN-4-YL) 3-HYDROXYTETRADECANOATE' 'C34 H66 N O12 P'
STE non-polymer 'STEARIC ACID' 'C18 H36 O2'
#
# COMPACT_ATOMS: atom_id res chain seq x y z
N GLU A 1 18.10 -10.87 9.10
CA GLU A 1 17.86 -12.32 8.80
C GLU A 1 16.36 -12.62 8.69
N ASP A 2 15.66 -11.89 7.81
CA ASP A 2 14.20 -11.97 7.74
C ASP A 2 13.49 -12.08 6.37
N PRO A 3 14.08 -11.52 5.28
CA PRO A 3 13.39 -11.61 3.96
C PRO A 3 13.95 -12.66 2.98
N PRO A 4 13.06 -13.32 2.19
CA PRO A 4 13.50 -14.40 1.29
C PRO A 4 13.00 -14.42 -0.19
N ALA A 5 12.55 -13.36 -0.84
CA ALA A 5 11.87 -13.46 -2.17
C ALA A 5 12.70 -12.95 -3.41
N CYS A 6 12.09 -12.57 -4.55
CA CYS A 6 10.65 -12.33 -4.73
C CYS A 6 9.99 -12.75 -6.07
N GLY A 7 10.59 -12.42 -7.22
CA GLY A 7 9.84 -12.45 -8.48
C GLY A 7 10.22 -13.31 -9.66
N SER A 8 9.23 -13.54 -10.54
CA SER A 8 9.43 -14.24 -11.80
C SER A 8 9.67 -13.19 -12.89
N ILE A 9 10.94 -12.91 -13.13
CA ILE A 9 11.36 -11.94 -14.13
C ILE A 9 12.20 -12.66 -15.18
N VAL A 10 11.88 -12.49 -16.47
CA VAL A 10 12.78 -12.85 -17.56
C VAL A 10 14.05 -12.00 -17.46
N PRO A 11 15.19 -12.63 -17.18
CA PRO A 11 16.46 -11.94 -17.00
C PRO A 11 17.01 -11.48 -18.34
N ARG A 12 18.00 -10.58 -18.34
CA ARG A 12 18.58 -10.05 -19.58
C ARG A 12 19.05 -11.13 -20.56
N ARG A 13 19.86 -12.05 -20.06
CA ARG A 13 20.37 -13.12 -20.88
C ARG A 13 19.19 -13.85 -21.52
N GLU A 14 18.08 -13.96 -20.79
CA GLU A 14 16.94 -14.73 -21.32
C GLU A 14 16.24 -14.08 -22.54
N TRP A 15 16.10 -12.76 -22.56
CA TRP A 15 15.58 -12.12 -23.78
C TRP A 15 16.64 -11.73 -24.80
N ARG A 16 17.85 -12.27 -24.59
CA ARG A 16 19.01 -12.19 -25.49
C ARG A 16 19.47 -10.72 -25.61
N ALA A 17 19.38 -10.01 -24.48
CA ALA A 17 19.63 -8.56 -24.41
C ALA A 17 21.06 -8.26 -24.72
N LEU A 18 21.33 -7.02 -25.12
CA LEU A 18 22.69 -6.56 -25.18
C LEU A 18 23.05 -6.06 -23.80
N ALA A 19 24.35 -6.09 -23.47
CA ALA A 19 24.83 -5.66 -22.16
C ALA A 19 24.59 -4.17 -21.99
N SER A 20 24.27 -3.77 -20.76
CA SER A 20 24.15 -2.36 -20.43
C SER A 20 25.54 -1.75 -20.46
N GLU A 21 25.62 -0.44 -20.59
CA GLU A 21 26.87 0.26 -20.32
C GLU A 21 26.66 1.21 -19.18
N CYS A 22 25.41 1.29 -18.71
CA CYS A 22 24.99 2.26 -17.69
C CYS A 22 25.56 2.10 -16.32
N ARG A 23 26.03 3.20 -15.74
CA ARG A 23 26.64 3.16 -14.40
C ARG A 23 26.01 3.93 -13.25
N GLU A 24 25.21 4.95 -13.51
CA GLU A 24 24.54 5.66 -12.42
C GLU A 24 23.54 4.79 -11.71
N ARG A 25 23.58 4.80 -10.39
CA ARG A 25 22.69 4.01 -9.58
C ARG A 25 21.67 4.92 -8.94
N LEU A 26 20.59 4.33 -8.46
CA LEU A 26 19.59 5.06 -7.63
C LEU A 26 19.91 4.82 -6.16
N THR A 27 19.63 5.82 -5.33
CA THR A 27 19.65 5.66 -3.86
C THR A 27 18.49 4.75 -3.56
N ARG A 28 18.74 3.63 -2.91
CA ARG A 28 17.63 2.82 -2.38
C ARG A 28 17.20 3.35 -0.98
N PRO A 29 15.90 3.33 -0.67
CA PRO A 29 14.82 2.84 -1.49
C PRO A 29 14.06 3.95 -2.23
N VAL A 30 13.78 3.67 -3.50
CA VAL A 30 13.07 4.53 -4.41
C VAL A 30 11.62 4.68 -4.02
N ARG A 31 11.11 5.91 -4.14
CA ARG A 31 9.76 6.23 -3.73
C ARG A 31 8.73 6.29 -4.86
N TYR A 32 9.17 6.54 -6.08
CA TYR A 32 8.21 6.65 -7.17
C TYR A 32 8.30 5.52 -8.16
N VAL A 33 7.19 5.27 -8.82
CA VAL A 33 7.15 4.30 -9.88
C VAL A 33 6.39 4.91 -10.97
N VAL A 34 7.04 5.30 -12.03
CA VAL A 34 6.28 5.88 -13.08
C VAL A 34 5.93 4.80 -14.10
N VAL A 35 4.67 4.76 -14.54
CA VAL A 35 4.26 3.79 -15.58
C VAL A 35 4.22 4.31 -17.03
N SER A 36 4.43 3.43 -18.01
CA SER A 36 4.52 3.83 -19.41
C SER A 36 4.12 2.74 -20.44
N HIS A 37 4.00 3.10 -21.74
CA HIS A 37 4.01 2.04 -22.79
C HIS A 37 5.11 2.30 -23.79
N THR A 38 5.41 1.31 -24.61
CA THR A 38 6.43 1.41 -25.68
C THR A 38 6.00 2.09 -27.01
N ALA A 39 4.70 2.30 -27.20
CA ALA A 39 4.12 2.65 -28.51
C ALA A 39 4.77 1.90 -29.65
N GLY A 40 5.04 0.61 -29.40
CA GLY A 40 5.59 -0.34 -30.39
C GLY A 40 4.67 -1.51 -30.67
N SER A 41 5.18 -2.49 -31.39
CA SER A 41 4.41 -3.72 -31.64
C SER A 41 4.18 -4.47 -30.32
N HIS A 42 3.09 -5.19 -30.22
CA HIS A 42 2.86 -6.02 -29.02
C HIS A 42 3.14 -7.53 -29.24
N CYS A 43 3.13 -8.32 -28.17
CA CYS A 43 3.42 -9.75 -28.32
C CYS A 43 2.58 -10.58 -27.36
N ASP A 44 2.05 -11.72 -27.78
CA ASP A 44 1.30 -12.60 -26.87
C ASP A 44 1.94 -13.99 -26.67
N THR A 45 3.06 -14.22 -27.33
CA THR A 45 3.96 -15.40 -27.02
C THR A 45 5.14 -14.83 -26.22
N PRO A 46 5.58 -15.58 -25.20
CA PRO A 46 6.86 -15.33 -24.55
C PRO A 46 7.89 -15.15 -25.63
N ALA A 47 7.76 -15.97 -26.68
CA ALA A 47 8.68 -15.99 -27.81
C ALA A 47 8.81 -14.62 -28.52
N SER A 48 7.69 -14.03 -28.93
CA SER A 48 7.77 -12.74 -29.56
C SER A 48 7.81 -11.60 -28.52
N CYS A 49 7.63 -11.89 -27.24
CA CYS A 49 7.88 -10.85 -26.21
C CYS A 49 9.31 -10.68 -25.82
N ALA A 50 10.13 -11.67 -26.08
CA ALA A 50 11.55 -11.54 -25.90
C ALA A 50 12.05 -10.83 -27.15
N GLN A 51 11.20 -10.83 -28.18
CA GLN A 51 11.60 -10.17 -29.38
C GLN A 51 11.35 -8.71 -29.19
N GLN A 52 10.14 -8.35 -28.76
CA GLN A 52 9.82 -6.94 -28.57
C GLN A 52 10.73 -6.28 -27.53
N ALA A 53 10.92 -6.96 -26.39
CA ALA A 53 11.85 -6.55 -25.36
C ALA A 53 13.16 -6.15 -26.03
N GLN A 54 13.55 -6.89 -27.05
CA GLN A 54 14.81 -6.70 -27.74
C GLN A 54 14.84 -5.51 -28.67
N ASN A 55 13.72 -5.28 -29.36
CA ASN A 55 13.59 -4.25 -30.38
C ASN A 55 13.53 -2.95 -29.64
N VAL A 56 12.70 -2.93 -28.61
CA VAL A 56 12.69 -1.79 -27.69
C VAL A 56 14.10 -1.47 -27.22
N GLN A 57 14.82 -2.43 -26.65
CA GLN A 57 16.22 -2.15 -26.25
C GLN A 57 17.09 -1.64 -27.43
N SER A 58 17.05 -2.33 -28.55
CA SER A 58 17.76 -1.91 -29.72
C SER A 58 17.53 -0.42 -30.08
N TYR A 59 16.27 -0.04 -30.33
CA TYR A 59 15.96 1.37 -30.63
C TYR A 59 16.71 2.27 -29.66
N HIS A 60 16.41 2.09 -28.37
CA HIS A 60 16.94 2.89 -27.29
C HIS A 60 18.42 3.00 -27.31
N VAL A 61 19.10 1.88 -27.53
CA VAL A 61 20.54 1.90 -27.58
C VAL A 61 21.11 2.42 -28.91
N ARG A 62 20.76 1.76 -30.02
CA ARG A 62 21.46 2.00 -31.30
C ARG A 62 21.05 3.31 -31.95
N ASN A 63 19.81 3.73 -31.69
CA ASN A 63 19.23 4.97 -32.22
C ASN A 63 19.23 6.21 -31.30
N LEU A 64 18.93 6.03 -30.05
CA LEU A 64 18.94 7.16 -29.15
C LEU A 64 20.26 7.28 -28.40
N GLY A 65 21.19 6.38 -28.65
CA GLY A 65 22.53 6.48 -28.09
C GLY A 65 22.62 6.03 -26.65
N TRP A 66 21.52 5.50 -26.13
CA TRP A 66 21.42 5.19 -24.71
C TRP A 66 22.29 4.03 -24.25
N CYS A 67 22.53 3.97 -22.94
CA CYS A 67 23.42 2.95 -22.40
C CYS A 67 22.69 1.65 -22.11
N ASP A 68 21.40 1.59 -22.49
CA ASP A 68 20.57 0.41 -22.23
C ASP A 68 19.13 0.59 -22.67
N VAL A 69 18.31 -0.44 -22.54
CA VAL A 69 16.87 -0.19 -22.62
C VAL A 69 16.63 0.80 -21.48
N GLY A 70 15.69 1.73 -21.69
CA GLY A 70 15.57 2.87 -20.80
C GLY A 70 14.76 2.56 -19.58
N TYR A 71 14.07 1.43 -19.63
CA TYR A 71 13.16 1.13 -18.58
C TYR A 71 13.82 0.16 -17.57
N ASN A 72 13.58 0.40 -16.28
CA ASN A 72 13.95 -0.58 -15.28
C ASN A 72 13.33 -1.99 -15.54
N PHE A 73 12.02 -2.02 -15.75
CA PHE A 73 11.36 -3.28 -16.07
C PHE A 73 10.33 -3.04 -17.13
N LEU A 74 10.26 -4.00 -18.04
CA LEU A 74 9.23 -4.02 -19.05
C LEU A 74 8.15 -5.12 -18.73
N ILE A 75 7.10 -5.14 -19.56
CA ILE A 75 6.00 -6.08 -19.44
C ILE A 75 5.64 -6.58 -20.85
N GLY A 76 5.39 -7.89 -20.97
CA GLY A 76 4.93 -8.52 -22.22
C GLY A 76 3.49 -9.00 -22.13
N GLU A 77 2.88 -9.23 -23.30
CA GLU A 77 1.46 -9.61 -23.37
C GLU A 77 1.32 -11.15 -23.24
N ASP A 78 2.46 -11.78 -22.99
CA ASP A 78 2.52 -13.15 -22.50
C ASP A 78 2.36 -13.19 -20.97
N GLY A 79 2.21 -12.04 -20.34
CA GLY A 79 1.90 -12.00 -18.93
C GLY A 79 3.12 -12.21 -18.09
N LEU A 80 4.27 -11.65 -18.53
CA LEU A 80 5.59 -11.76 -17.84
C LEU A 80 6.37 -10.44 -17.70
N VAL A 81 7.13 -10.29 -16.60
CA VAL A 81 7.93 -9.08 -16.37
C VAL A 81 9.36 -9.19 -16.90
N TYR A 82 9.72 -8.29 -17.80
CA TYR A 82 10.99 -8.41 -18.52
C TYR A 82 11.98 -7.46 -17.94
N GLU A 83 13.13 -7.97 -17.52
CA GLU A 83 14.16 -7.14 -16.89
C GLU A 83 14.87 -6.21 -17.91
N GLY A 84 15.17 -5.00 -17.44
CA GLY A 84 16.02 -4.10 -18.17
C GLY A 84 17.13 -3.60 -17.27
N ARG A 85 17.10 -2.31 -16.96
CA ARG A 85 18.11 -1.76 -16.09
C ARG A 85 17.89 -2.20 -14.62
N GLY A 86 16.72 -2.78 -14.29
CA GLY A 86 16.50 -3.34 -12.95
C GLY A 86 16.33 -2.37 -11.78
N TRP A 87 16.44 -2.87 -10.56
CA TRP A 87 16.20 -2.06 -9.39
C TRP A 87 17.31 -1.09 -9.02
N ASN A 88 18.54 -1.30 -9.48
CA ASN A 88 19.65 -0.46 -8.98
C ASN A 88 20.16 0.68 -9.86
N ILE A 89 19.92 0.57 -11.17
CA ILE A 89 20.43 1.54 -12.14
C ILE A 89 19.38 2.60 -12.50
N LYS A 90 19.81 3.79 -12.90
CA LYS A 90 18.89 4.86 -13.25
C LYS A 90 18.36 4.67 -14.70
N GLY A 91 17.07 4.91 -14.91
CA GLY A 91 16.48 4.73 -16.23
C GLY A 91 16.49 6.01 -17.06
N ALA A 92 16.36 5.85 -18.37
CA ALA A 92 16.05 6.98 -19.21
C ALA A 92 14.61 6.73 -19.60
N HIS A 93 13.68 7.06 -18.72
CA HIS A 93 12.29 6.82 -19.06
C HIS A 93 11.37 7.97 -18.88
N ALA A 94 11.77 8.96 -18.09
CA ALA A 94 10.86 10.02 -17.74
C ALA A 94 11.47 11.42 -17.57
N GLY A 95 12.62 11.64 -18.22
CA GLY A 95 13.32 12.92 -18.13
C GLY A 95 14.07 13.18 -16.81
N PRO A 96 14.92 14.23 -16.79
CA PRO A 96 15.97 14.41 -15.81
C PRO A 96 15.51 14.84 -14.43
N THR A 97 14.26 15.27 -14.29
CA THR A 97 13.76 15.54 -12.95
C THR A 97 13.30 14.25 -12.22
N TRP A 98 12.67 13.35 -12.97
CA TRP A 98 12.06 12.13 -12.46
C TRP A 98 12.89 10.88 -12.56
N ASN A 99 13.64 10.69 -13.65
CA ASN A 99 14.60 9.59 -13.79
C ASN A 99 15.47 9.26 -12.57
N PRO A 100 16.02 10.29 -11.91
CA PRO A 100 16.95 9.95 -10.82
C PRO A 100 16.32 9.53 -9.53
N ILE A 101 15.02 9.74 -9.37
CA ILE A 101 14.35 9.52 -8.09
C ILE A 101 13.26 8.44 -8.11
N SER A 102 13.12 7.76 -9.25
CA SER A 102 12.02 6.80 -9.45
C SER A 102 12.39 5.54 -10.24
N ILE A 103 11.47 4.55 -10.25
CA ILE A 103 11.57 3.36 -11.10
C ILE A 103 10.47 3.39 -12.13
N GLY A 104 10.86 3.16 -13.36
CA GLY A 104 9.93 3.27 -14.48
C GLY A 104 9.66 1.95 -15.16
N ILE A 105 8.39 1.59 -15.19
CA ILE A 105 7.95 0.32 -15.76
C ILE A 105 7.04 0.60 -16.95
N SER A 106 7.28 -0.07 -18.06
CA SER A 106 6.58 0.28 -19.27
C SER A 106 6.00 -0.92 -19.97
N PHE A 107 4.71 -0.82 -20.31
CA PHE A 107 4.07 -1.91 -21.06
C PHE A 107 4.42 -1.86 -22.53
N MET A 108 4.42 -3.03 -23.18
CA MET A 108 4.87 -3.14 -24.58
C MET A 108 3.79 -3.16 -25.70
N GLY A 109 3.86 -2.20 -26.63
CA GLY A 109 2.88 -2.11 -27.73
C GLY A 109 2.38 -0.69 -27.68
N ASN A 110 1.23 -0.40 -28.26
CA ASN A 110 0.63 0.94 -28.06
C ASN A 110 -0.80 0.87 -27.51
N TYR A 111 -1.07 1.66 -26.47
CA TYR A 111 -2.22 1.45 -25.63
C TYR A 111 -3.27 2.54 -25.58
N MET A 112 -3.43 3.27 -26.68
CA MET A 112 -4.60 4.15 -26.89
C MET A 112 -5.85 3.32 -27.19
N ASN A 113 -5.66 2.23 -27.93
CA ASN A 113 -6.78 1.47 -28.45
C ASN A 113 -6.91 0.05 -27.96
N ARG A 114 -6.08 -0.31 -27.01
CA ARG A 114 -6.21 -1.61 -26.34
C ARG A 114 -5.96 -1.39 -24.85
N VAL A 115 -6.97 -1.63 -24.03
CA VAL A 115 -6.70 -1.87 -22.62
C VAL A 115 -5.81 -3.12 -22.67
N PRO A 116 -4.75 -3.21 -21.83
CA PRO A 116 -3.84 -4.36 -21.83
C PRO A 116 -4.45 -5.58 -21.13
N PRO A 117 -3.97 -6.79 -21.47
CA PRO A 117 -4.41 -8.05 -20.86
C PRO A 117 -4.28 -8.06 -19.33
N PRO A 118 -5.20 -8.75 -18.63
CA PRO A 118 -5.35 -8.69 -17.17
C PRO A 118 -4.21 -9.28 -16.32
N ARG A 119 -3.55 -10.32 -16.84
CA ARG A 119 -2.40 -10.92 -16.16
C ARG A 119 -1.29 -9.90 -15.93
N ALA A 120 -1.13 -9.11 -17.00
CA ALA A 120 -0.12 -8.07 -17.05
C ALA A 120 -0.24 -7.15 -15.85
N LEU A 121 -1.43 -6.65 -15.54
CA LEU A 121 -1.51 -5.78 -14.37
C LEU A 121 -1.19 -6.49 -13.07
N ARG A 122 -1.28 -7.81 -13.12
CA ARG A 122 -1.01 -8.64 -11.98
C ARG A 122 0.50 -8.74 -11.95
N ALA A 123 1.06 -9.02 -13.13
CA ALA A 123 2.48 -9.25 -13.26
C ALA A 123 3.22 -8.01 -12.83
N ALA A 124 2.98 -6.90 -13.52
CA ALA A 124 3.50 -5.60 -13.09
C ALA A 124 3.23 -5.35 -11.60
N GLN A 125 1.96 -5.32 -11.13
CA GLN A 125 1.62 -5.04 -9.73
C GLN A 125 2.40 -5.93 -8.76
N ASN A 126 2.61 -7.18 -9.17
CA ASN A 126 3.41 -8.14 -8.39
C ASN A 126 4.87 -7.78 -8.37
N LEU A 127 5.36 -7.24 -9.47
CA LEU A 127 6.71 -6.74 -9.55
C LEU A 127 6.90 -5.64 -8.51
N LEU A 128 5.90 -4.82 -8.29
CA LEU A 128 6.05 -3.76 -7.27
C LEU A 128 6.12 -4.38 -5.88
N ALA A 129 5.46 -5.53 -5.71
CA ALA A 129 5.54 -6.30 -4.47
C ALA A 129 6.98 -6.68 -4.15
N CYS A 130 7.74 -7.05 -5.19
CA CYS A 130 9.15 -7.37 -5.06
C CYS A 130 9.97 -6.21 -4.50
N GLY A 131 9.94 -5.09 -5.21
CA GLY A 131 10.69 -3.89 -4.82
C GLY A 131 10.56 -3.65 -3.34
N VAL A 132 9.32 -3.67 -2.87
CA VAL A 132 9.10 -3.46 -1.50
C VAL A 132 9.85 -4.54 -0.76
N ALA A 133 9.50 -5.80 -1.04
CA ALA A 133 10.08 -6.95 -0.32
C ALA A 133 11.62 -6.93 -0.29
N LEU A 134 12.23 -6.50 -1.39
CA LEU A 134 13.66 -6.38 -1.50
C LEU A 134 14.19 -5.12 -0.87
N GLY A 135 13.36 -4.10 -0.70
CA GLY A 135 13.85 -2.83 -0.16
C GLY A 135 14.47 -2.06 -1.30
N ALA A 136 13.90 -2.29 -2.48
CA ALA A 136 14.22 -1.50 -3.63
C ALA A 136 13.29 -0.27 -3.64
N LEU A 137 12.03 -0.50 -3.27
CA LEU A 137 11.02 0.54 -3.15
C LEU A 137 10.78 0.86 -1.69
N ARG A 138 10.11 1.97 -1.42
CA ARG A 138 9.64 2.26 -0.13
C ARG A 138 8.34 1.46 0.07
N SER A 139 8.11 0.90 1.25
CA SER A 139 6.86 0.20 1.49
C SER A 139 5.68 1.02 0.94
N ASN A 140 5.74 2.34 1.21
CA ASN A 140 4.80 3.38 0.72
C ASN A 140 5.17 4.03 -0.61
N TYR A 141 5.72 3.22 -1.52
CA TYR A 141 6.00 3.71 -2.87
C TYR A 141 4.75 4.33 -3.55
N GLU A 142 4.98 5.34 -4.35
CA GLU A 142 3.90 6.06 -5.00
C GLU A 142 3.98 5.85 -6.46
N VAL A 143 2.86 5.54 -7.04
CA VAL A 143 2.80 5.16 -8.45
C VAL A 143 2.28 6.31 -9.25
N LYS A 144 3.07 6.77 -10.21
CA LYS A 144 2.64 7.88 -11.02
C LYS A 144 2.44 7.40 -12.44
N GLY A 145 1.45 7.98 -13.13
CA GLY A 145 1.35 7.75 -14.56
C GLY A 145 2.46 8.56 -15.19
N HIS A 146 2.93 8.15 -16.35
CA HIS A 146 3.90 8.93 -17.08
C HIS A 146 3.32 10.33 -17.34
N ARG A 147 2.07 10.41 -17.87
CA ARG A 147 1.39 11.67 -18.17
C ARG A 147 1.34 12.62 -16.97
N ASP A 148 1.51 12.06 -15.76
CA ASP A 148 1.50 12.85 -14.54
C ASP A 148 2.78 13.66 -14.35
N VAL A 149 3.88 13.20 -14.96
CA VAL A 149 5.16 13.84 -14.81
C VAL A 149 5.90 14.31 -16.09
N GLN A 150 5.40 13.91 -17.24
CA GLN A 150 5.85 14.56 -18.46
C GLN A 150 4.59 15.00 -19.17
N PRO A 151 4.76 15.86 -20.14
CA PRO A 151 3.59 16.25 -20.89
C PRO A 151 3.33 15.14 -21.90
N THR A 152 2.70 14.06 -21.47
CA THR A 152 2.48 12.95 -22.41
C THR A 152 1.12 12.27 -22.26
N LEU A 153 0.70 11.59 -23.32
CA LEU A 153 -0.54 10.82 -23.35
C LEU A 153 -0.28 9.49 -22.72
N SER A 154 0.99 9.09 -22.86
CA SER A 154 1.58 7.83 -22.39
C SER A 154 1.30 7.63 -20.91
N PRO A 155 1.06 6.38 -20.47
CA PRO A 155 1.35 5.07 -21.06
C PRO A 155 0.32 4.60 -22.06
N GLY A 156 -0.47 5.51 -22.58
CA GLY A 156 -1.61 5.10 -23.39
C GLY A 156 -2.90 5.36 -22.66
N ASP A 157 -3.87 5.87 -23.41
CA ASP A 157 -5.11 6.34 -22.85
C ASP A 157 -5.83 5.26 -22.06
N ARG A 158 -6.04 4.12 -22.73
CA ARG A 158 -6.75 3.00 -22.18
C ARG A 158 -6.12 2.71 -20.84
N LEU A 159 -4.85 2.39 -20.94
CA LEU A 159 -4.10 1.84 -19.84
C LEU A 159 -4.02 2.79 -18.63
N TYR A 160 -3.62 4.01 -18.88
CA TYR A 160 -3.59 5.04 -17.82
C TYR A 160 -4.84 4.92 -17.03
N GLU A 161 -5.93 4.98 -17.79
CA GLU A 161 -7.28 4.87 -17.29
C GLU A 161 -7.35 3.78 -16.22
N ILE A 162 -6.56 2.74 -16.41
CA ILE A 162 -6.53 1.71 -15.39
C ILE A 162 -5.83 2.11 -14.08
N ILE A 163 -4.56 2.50 -14.17
CA ILE A 163 -3.68 2.59 -12.98
C ILE A 163 -4.19 3.50 -11.89
N GLN A 164 -5.14 4.35 -12.26
CA GLN A 164 -5.69 5.31 -11.32
C GLN A 164 -6.31 4.64 -10.09
N THR A 165 -6.52 3.33 -10.18
CA THR A 165 -7.22 2.60 -9.13
C THR A 165 -6.36 2.09 -7.94
N TRP A 166 -5.05 1.96 -8.21
CA TRP A 166 -4.17 1.22 -7.38
C TRP A 166 -4.08 1.90 -6.07
N SER A 167 -3.54 1.17 -5.15
CA SER A 167 -3.64 1.46 -3.75
C SER A 167 -2.52 2.36 -3.28
N HIS A 168 -1.84 2.98 -4.22
CA HIS A 168 -0.54 3.54 -3.98
C HIS A 168 -0.32 4.68 -4.96
N TYR A 169 -1.34 4.96 -5.72
CA TYR A 169 -1.39 6.05 -6.70
C TYR A 169 -1.61 7.45 -6.08
N ARG A 170 -0.60 8.32 -6.14
CA ARG A 170 -0.80 9.73 -5.85
C ARG A 170 -0.47 10.45 -7.12
N ALA A 171 -1.22 11.53 -7.40
CA ALA A 171 -0.99 12.38 -8.56
C ALA A 171 -1.54 13.76 -8.25
N GLU B 1 -13.38 -8.53 -6.67
CA GLU B 1 -12.30 -8.60 -5.65
C GLU B 1 -12.29 -9.89 -4.83
N ASP B 2 -11.31 -10.76 -5.11
CA ASP B 2 -10.98 -11.89 -4.23
C ASP B 2 -9.47 -12.15 -4.04
N PRO B 3 -8.69 -12.18 -5.16
CA PRO B 3 -7.22 -12.17 -5.03
C PRO B 3 -6.50 -10.86 -5.51
N PRO B 4 -5.69 -10.21 -4.63
CA PRO B 4 -4.72 -9.18 -5.09
C PRO B 4 -3.25 -9.61 -5.24
N ALA B 5 -3.01 -10.91 -5.47
CA ALA B 5 -1.66 -11.54 -5.54
C ALA B 5 -1.65 -12.93 -6.25
N CYS B 6 -0.64 -13.80 -6.04
CA CYS B 6 0.41 -13.72 -5.02
C CYS B 6 1.79 -13.87 -5.65
N GLY B 7 1.93 -14.87 -6.50
CA GLY B 7 3.12 -15.05 -7.31
C GLY B 7 2.61 -14.97 -8.73
N SER B 8 1.68 -14.04 -8.89
CA SER B 8 0.87 -13.89 -10.06
C SER B 8 0.34 -15.24 -10.49
N ILE B 9 -0.55 -15.78 -9.64
CA ILE B 9 -1.19 -17.04 -9.90
C ILE B 9 -2.43 -16.81 -10.70
N VAL B 10 -2.61 -17.57 -11.75
CA VAL B 10 -3.83 -17.41 -12.48
C VAL B 10 -4.98 -17.88 -11.61
N PRO B 11 -5.94 -17.02 -11.40
CA PRO B 11 -7.14 -17.46 -10.66
C PRO B 11 -8.01 -18.34 -11.53
N ARG B 12 -8.78 -19.21 -10.86
CA ARG B 12 -9.69 -20.14 -11.54
C ARG B 12 -10.38 -19.54 -12.76
N ARG B 13 -10.99 -18.38 -12.59
CA ARG B 13 -11.78 -17.84 -13.69
C ARG B 13 -11.05 -17.64 -15.04
N GLU B 14 -9.84 -17.04 -15.09
CA GLU B 14 -9.17 -16.67 -16.38
C GLU B 14 -8.91 -17.88 -17.28
N TRP B 15 -8.80 -19.06 -16.67
CA TRP B 15 -8.64 -20.32 -17.42
C TRP B 15 -9.91 -21.18 -17.54
N ARG B 16 -11.04 -20.63 -17.08
CA ARG B 16 -12.40 -21.23 -17.25
C ARG B 16 -12.76 -22.39 -16.27
N ALA B 17 -12.18 -22.35 -15.07
CA ALA B 17 -12.31 -23.40 -14.05
C ALA B 17 -13.76 -23.59 -13.59
N LEU B 18 -14.29 -24.78 -13.90
CA LEU B 18 -15.55 -25.30 -13.36
C LEU B 18 -15.41 -25.39 -11.85
N ALA B 19 -16.47 -25.04 -11.14
CA ALA B 19 -16.32 -24.80 -9.71
C ALA B 19 -15.96 -26.08 -8.97
N SER B 20 -14.87 -26.04 -8.19
CA SER B 20 -14.53 -27.17 -7.32
C SER B 20 -15.71 -27.56 -6.44
N GLU B 21 -15.84 -28.85 -6.22
CA GLU B 21 -16.81 -29.37 -5.27
C GLU B 21 -16.11 -29.89 -4.02
N CYS B 22 -14.79 -29.73 -3.96
CA CYS B 22 -13.94 -30.31 -2.90
C CYS B 22 -14.19 -29.67 -1.57
N ARG B 23 -14.08 -30.45 -0.49
CA ARG B 23 -14.54 -29.98 0.81
C ARG B 23 -13.68 -30.44 1.96
N GLU B 24 -12.65 -31.21 1.63
CA GLU B 24 -11.61 -31.48 2.61
C GLU B 24 -10.46 -30.44 2.62
N ARG B 25 -10.46 -29.61 3.65
CA ARG B 25 -9.40 -28.66 3.85
C ARG B 25 -8.11 -29.44 4.10
N LEU B 26 -6.99 -28.95 3.57
CA LEU B 26 -5.64 -29.20 4.06
C LEU B 26 -5.28 -28.37 5.29
N THR B 27 -4.38 -28.93 6.10
CA THR B 27 -3.99 -28.34 7.40
C THR B 27 -2.77 -27.38 7.29
N ARG B 28 -2.99 -26.13 6.89
CA ARG B 28 -1.84 -25.22 6.86
C ARG B 28 -1.28 -25.26 8.31
N PRO B 29 0.06 -25.35 8.52
CA PRO B 29 1.25 -25.26 7.66
C PRO B 29 1.66 -26.63 7.15
N VAL B 30 1.47 -26.89 5.86
CA VAL B 30 1.79 -28.21 5.31
C VAL B 30 3.29 -28.37 5.27
N ARG B 31 3.79 -29.61 5.18
CA ARG B 31 5.23 -29.84 5.27
C ARG B 31 5.90 -30.32 3.99
N TYR B 32 5.09 -30.71 3.00
CA TYR B 32 5.62 -31.34 1.79
C TYR B 32 5.11 -30.73 0.49
N VAL B 33 5.99 -30.66 -0.49
CA VAL B 33 5.52 -30.38 -1.84
C VAL B 33 5.92 -31.52 -2.74
N VAL B 34 4.94 -32.09 -3.43
CA VAL B 34 5.16 -33.09 -4.48
C VAL B 34 5.02 -32.43 -5.83
N VAL B 35 6.12 -32.51 -6.59
CA VAL B 35 6.20 -32.20 -8.03
C VAL B 35 5.83 -33.41 -8.96
N SER B 36 5.00 -33.17 -9.96
CA SER B 36 4.50 -34.16 -10.88
C SER B 36 4.36 -33.58 -12.27
N HIS B 37 4.22 -34.45 -13.28
CA HIS B 37 3.87 -33.99 -14.61
C HIS B 37 2.53 -34.55 -15.03
N THR B 38 1.80 -33.81 -15.83
CA THR B 38 0.46 -34.25 -16.25
C THR B 38 0.57 -35.40 -17.22
N ALA B 39 1.75 -35.60 -17.83
CA ALA B 39 1.92 -36.56 -18.91
C ALA B 39 0.87 -36.25 -19.97
N GLY B 40 0.51 -34.97 -20.03
CA GLY B 40 -0.51 -34.49 -20.95
C GLY B 40 0.13 -33.84 -22.15
N SER B 41 -0.66 -33.12 -22.93
CA SER B 41 -0.07 -32.33 -24.01
C SER B 41 0.59 -31.12 -23.41
N HIS B 42 1.65 -30.62 -24.03
CA HIS B 42 2.27 -29.42 -23.53
C HIS B 42 1.73 -28.18 -24.27
N CYS B 43 2.05 -27.00 -23.75
CA CYS B 43 1.53 -25.76 -24.29
C CYS B 43 2.55 -24.63 -24.02
N ASP B 44 2.70 -23.70 -24.95
CA ASP B 44 3.77 -22.69 -24.82
C ASP B 44 3.30 -21.24 -24.87
N THR B 45 2.00 -21.04 -25.15
CA THR B 45 1.33 -19.73 -25.04
C THR B 45 0.21 -19.76 -24.00
N PRO B 46 -0.14 -18.61 -23.39
CA PRO B 46 -1.24 -18.58 -22.41
C PRO B 46 -2.60 -19.00 -22.97
N ALA B 47 -2.67 -19.20 -24.29
CA ALA B 47 -3.90 -19.61 -24.98
C ALA B 47 -3.94 -21.13 -25.29
N SER B 48 -2.77 -21.75 -25.26
CA SER B 48 -2.68 -23.18 -25.38
C SER B 48 -2.70 -23.75 -23.95
N CYS B 49 -2.12 -22.99 -23.02
CA CYS B 49 -2.04 -23.37 -21.61
C CYS B 49 -3.32 -23.13 -20.77
N ALA B 50 -4.30 -22.47 -21.34
CA ALA B 50 -5.52 -22.30 -20.62
C ALA B 50 -6.37 -23.43 -21.08
N GLN B 51 -6.42 -23.59 -22.40
CA GLN B 51 -7.18 -24.65 -23.01
C GLN B 51 -6.68 -25.98 -22.44
N GLN B 52 -5.36 -26.22 -22.43
CA GLN B 52 -4.82 -27.46 -21.84
C GLN B 52 -5.09 -27.59 -20.33
N ALA B 53 -5.11 -26.47 -19.62
CA ALA B 53 -5.46 -26.49 -18.19
C ALA B 53 -6.90 -26.90 -17.98
N GLN B 54 -7.81 -26.29 -18.72
CA GLN B 54 -9.20 -26.65 -18.55
C GLN B 54 -9.47 -28.04 -19.17
N ASN B 55 -8.45 -28.60 -19.84
CA ASN B 55 -8.49 -29.96 -20.37
C ASN B 55 -8.24 -30.98 -19.30
N VAL B 56 -7.45 -30.67 -18.29
CA VAL B 56 -7.23 -31.72 -17.35
C VAL B 56 -8.17 -31.58 -16.20
N GLN B 57 -8.72 -30.44 -15.95
CA GLN B 57 -9.65 -30.48 -14.86
C GLN B 57 -10.88 -31.29 -15.28
N SER B 58 -11.15 -31.27 -16.59
CA SER B 58 -12.33 -31.90 -17.17
C SER B 58 -12.24 -33.41 -17.28
N TYR B 59 -11.01 -33.93 -17.38
CA TYR B 59 -10.79 -35.37 -17.43
C TYR B 59 -11.02 -35.89 -15.98
N HIS B 60 -10.47 -35.14 -15.07
CA HIS B 60 -10.60 -35.39 -13.69
C HIS B 60 -12.03 -35.25 -13.29
N VAL B 61 -12.71 -34.35 -13.92
CA VAL B 61 -14.06 -34.13 -13.51
C VAL B 61 -15.15 -34.71 -14.38
N ARG B 62 -14.92 -34.84 -15.64
CA ARG B 62 -15.96 -35.34 -16.48
C ARG B 62 -15.85 -36.86 -16.32
N ASN B 63 -14.63 -37.35 -16.42
CA ASN B 63 -14.40 -38.78 -16.53
C ASN B 63 -14.12 -39.51 -15.24
N LEU B 64 -13.32 -38.91 -14.37
CA LEU B 64 -12.87 -39.55 -13.15
C LEU B 64 -13.83 -39.33 -12.00
N GLY B 65 -14.87 -38.56 -12.24
CA GLY B 65 -15.83 -38.18 -11.21
C GLY B 65 -15.32 -37.30 -10.08
N TRP B 66 -14.13 -36.74 -10.20
CA TRP B 66 -13.53 -36.09 -9.06
C TRP B 66 -14.22 -34.75 -8.65
N CYS B 67 -14.10 -34.29 -7.40
CA CYS B 67 -14.64 -32.96 -7.06
C CYS B 67 -14.03 -31.87 -7.91
N ASP B 68 -12.71 -31.91 -8.12
CA ASP B 68 -12.04 -30.87 -8.92
C ASP B 68 -10.78 -31.42 -9.60
N VAL B 69 -10.13 -30.61 -10.43
CA VAL B 69 -8.84 -30.92 -10.99
C VAL B 69 -7.92 -31.35 -9.85
N GLY B 70 -7.11 -32.38 -10.09
CA GLY B 70 -6.42 -33.12 -9.04
C GLY B 70 -5.39 -32.30 -8.32
N TYR B 71 -4.48 -31.73 -9.09
CA TYR B 71 -3.36 -30.95 -8.55
C TYR B 71 -3.77 -29.65 -7.84
N ASN B 72 -3.17 -29.42 -6.66
CA ASN B 72 -3.18 -28.12 -5.95
C ASN B 72 -2.92 -26.96 -6.85
N PHE B 73 -1.88 -26.97 -7.65
CA PHE B 73 -1.52 -25.95 -8.64
C PHE B 73 -0.97 -26.61 -9.90
N LEU B 74 -0.97 -25.88 -11.00
CA LEU B 74 -0.44 -26.36 -12.27
C LEU B 74 0.49 -25.32 -12.89
N ILE B 75 1.46 -25.78 -13.70
CA ILE B 75 2.49 -24.91 -14.28
C ILE B 75 2.74 -25.20 -15.74
N GLY B 76 2.56 -24.21 -16.63
CA GLY B 76 2.81 -24.38 -18.09
C GLY B 76 4.16 -23.91 -18.67
N GLU B 77 4.47 -24.34 -19.90
CA GLU B 77 5.76 -24.03 -20.53
C GLU B 77 5.71 -22.63 -21.10
N ASP B 78 4.49 -22.12 -21.29
CA ASP B 78 4.30 -20.70 -21.53
C ASP B 78 5.00 -19.97 -20.39
N GLY B 79 4.70 -20.33 -19.14
CA GLY B 79 5.52 -19.87 -18.02
C GLY B 79 4.81 -19.18 -16.89
N LEU B 80 3.57 -19.57 -16.61
CA LEU B 80 2.84 -19.03 -15.46
C LEU B 80 2.14 -20.12 -14.62
N VAL B 81 1.74 -19.76 -13.39
CA VAL B 81 1.12 -20.70 -12.46
C VAL B 81 -0.39 -20.76 -12.63
N TYR B 82 -0.94 -21.96 -12.84
CA TYR B 82 -2.40 -22.15 -12.90
C TYR B 82 -3.04 -22.67 -11.62
N GLU B 83 -3.93 -21.86 -11.06
CA GLU B 83 -4.63 -22.22 -9.81
C GLU B 83 -5.47 -23.47 -10.03
N GLY B 84 -5.34 -24.40 -9.12
CA GLY B 84 -6.06 -25.64 -9.22
C GLY B 84 -6.93 -25.67 -8.02
N ARG B 85 -6.54 -26.49 -7.07
CA ARG B 85 -7.29 -26.57 -5.82
C ARG B 85 -6.83 -25.52 -4.76
N GLY B 86 -5.57 -25.08 -4.86
CA GLY B 86 -5.00 -24.05 -4.01
C GLY B 86 -4.26 -24.50 -2.75
N TRP B 87 -4.04 -23.55 -1.84
CA TRP B 87 -3.36 -23.84 -0.59
C TRP B 87 -4.29 -24.55 0.35
N ASN B 88 -5.58 -24.22 0.35
CA ASN B 88 -6.50 -24.56 1.43
C ASN B 88 -7.08 -25.96 1.43
N ILE B 89 -7.61 -26.42 0.30
CA ILE B 89 -8.22 -27.75 0.25
C ILE B 89 -7.14 -28.82 -0.02
N LYS B 90 -7.50 -30.07 0.22
CA LYS B 90 -6.65 -31.22 -0.07
C LYS B 90 -6.79 -31.63 -1.53
N GLY B 91 -5.67 -31.96 -2.16
CA GLY B 91 -5.66 -32.31 -3.58
C GLY B 91 -5.80 -33.80 -3.73
N ALA B 92 -5.85 -34.25 -4.98
CA ALA B 92 -5.91 -35.69 -5.33
C ALA B 92 -4.83 -35.97 -6.37
N HIS B 93 -3.56 -36.03 -5.93
CA HIS B 93 -2.45 -35.99 -6.89
C HIS B 93 -1.32 -36.94 -6.56
N ALA B 94 -1.33 -37.46 -5.35
CA ALA B 94 -0.32 -38.37 -4.85
C ALA B 94 -0.84 -39.50 -3.96
N GLY B 95 -2.08 -39.94 -4.15
CA GLY B 95 -2.60 -41.05 -3.39
C GLY B 95 -2.78 -40.68 -1.93
N PRO B 96 -3.38 -41.59 -1.13
CA PRO B 96 -3.89 -41.30 0.19
C PRO B 96 -2.88 -41.03 1.33
N THR B 97 -1.65 -41.54 1.25
CA THR B 97 -0.63 -41.23 2.27
C THR B 97 -0.16 -39.75 2.15
N TRP B 98 -0.09 -39.19 0.94
CA TRP B 98 0.52 -37.86 0.76
C TRP B 98 -0.45 -36.75 0.46
N ASN B 99 -1.47 -37.08 -0.34
CA ASN B 99 -2.46 -36.08 -0.75
C ASN B 99 -2.77 -35.13 0.38
N PRO B 100 -3.00 -35.67 1.62
CA PRO B 100 -3.45 -34.84 2.74
C PRO B 100 -2.36 -33.94 3.31
N ILE B 101 -1.15 -34.48 3.41
CA ILE B 101 -0.07 -33.79 4.11
C ILE B 101 1.07 -33.29 3.18
N SER B 102 0.67 -32.80 2.00
CA SER B 102 1.57 -32.26 0.99
C SER B 102 0.81 -31.27 0.15
N ILE B 103 1.51 -30.53 -0.70
CA ILE B 103 0.85 -29.76 -1.76
C ILE B 103 1.42 -30.32 -3.04
N GLY B 104 0.56 -30.45 -4.05
CA GLY B 104 0.98 -30.91 -5.36
C GLY B 104 0.95 -29.86 -6.44
N ILE B 105 2.04 -29.75 -7.19
CA ILE B 105 2.12 -28.87 -8.34
C ILE B 105 2.47 -29.75 -9.50
N SER B 106 1.85 -29.55 -10.66
CA SER B 106 2.16 -30.37 -11.84
C SER B 106 2.59 -29.49 -12.99
N PHE B 107 3.67 -29.89 -13.67
CA PHE B 107 4.08 -29.23 -14.88
C PHE B 107 3.17 -29.74 -15.95
N MET B 108 2.91 -28.90 -16.95
CA MET B 108 2.01 -29.20 -18.03
C MET B 108 2.70 -29.77 -19.30
N GLY B 109 2.77 -31.09 -19.34
CA GLY B 109 3.32 -31.83 -20.49
C GLY B 109 3.98 -33.09 -20.02
N ASN B 110 4.67 -33.78 -20.93
CA ASN B 110 5.50 -34.97 -20.59
C ASN B 110 6.96 -34.60 -20.45
N TYR B 111 7.63 -35.04 -19.39
CA TYR B 111 9.04 -34.66 -19.24
C TYR B 111 10.09 -35.76 -19.23
N MET B 112 9.72 -36.93 -19.73
CA MET B 112 10.66 -38.04 -19.91
C MET B 112 11.82 -37.64 -20.84
N ASN B 113 11.50 -37.08 -21.99
CA ASN B 113 12.55 -36.76 -22.96
C ASN B 113 12.75 -35.30 -23.31
N ARG B 114 11.99 -34.39 -22.70
CA ARG B 114 12.22 -32.94 -22.78
C ARG B 114 12.16 -32.41 -21.36
N VAL B 115 12.89 -31.31 -21.11
CA VAL B 115 12.73 -30.51 -19.85
C VAL B 115 11.83 -29.32 -20.16
N PRO B 116 11.34 -28.63 -19.13
CA PRO B 116 10.72 -27.33 -19.36
C PRO B 116 11.73 -26.16 -19.34
N PRO B 117 11.39 -25.04 -19.99
CA PRO B 117 12.07 -23.74 -19.94
C PRO B 117 12.20 -23.13 -18.54
N PRO B 118 13.34 -22.48 -18.25
CA PRO B 118 13.59 -21.78 -16.98
C PRO B 118 12.40 -21.00 -16.33
N ARG B 119 11.73 -20.09 -17.05
CA ARG B 119 10.52 -19.48 -16.48
C ARG B 119 9.58 -20.45 -15.79
N ALA B 120 9.26 -21.56 -16.46
CA ALA B 120 8.53 -22.68 -15.86
C ALA B 120 9.06 -23.05 -14.48
N LEU B 121 10.35 -23.32 -14.38
CA LEU B 121 10.97 -23.63 -13.10
C LEU B 121 10.96 -22.39 -12.18
N ARG B 122 11.16 -21.21 -12.75
CA ARG B 122 11.10 -19.97 -11.97
C ARG B 122 9.72 -19.70 -11.45
N ALA B 123 8.71 -20.03 -12.22
CA ALA B 123 7.36 -19.84 -11.79
C ALA B 123 7.08 -20.76 -10.58
N ALA B 124 7.81 -21.89 -10.50
CA ALA B 124 7.50 -22.89 -9.47
C ALA B 124 8.14 -22.56 -8.14
N GLN B 125 9.46 -22.39 -8.15
CA GLN B 125 10.17 -21.95 -6.97
C GLN B 125 9.53 -20.65 -6.38
N ASN B 126 8.91 -19.87 -7.20
CA ASN B 126 8.21 -18.78 -6.63
C ASN B 126 6.97 -19.10 -5.85
N LEU B 127 6.16 -19.97 -6.42
CA LEU B 127 4.93 -20.31 -5.77
C LEU B 127 5.44 -20.74 -4.50
N LEU B 128 6.66 -21.20 -4.52
CA LEU B 128 7.20 -21.77 -3.34
C LEU B 128 7.30 -20.79 -2.17
N ALA B 129 7.86 -19.63 -2.37
CA ALA B 129 8.00 -18.76 -1.22
C ALA B 129 6.67 -18.09 -0.99
N CYS B 130 6.11 -17.59 -2.07
CA CYS B 130 4.76 -17.03 -1.95
C CYS B 130 3.76 -18.15 -1.72
N GLY B 131 3.81 -18.70 -0.50
CA GLY B 131 3.07 -19.91 -0.14
C GLY B 131 3.67 -20.43 1.14
N VAL B 132 4.96 -20.15 1.30
CA VAL B 132 5.60 -20.15 2.60
C VAL B 132 5.11 -18.69 3.23
N ALA B 133 5.15 -17.55 2.51
CA ALA B 133 4.68 -16.22 3.04
C ALA B 133 3.26 -16.30 3.58
N LEU B 134 2.45 -17.13 2.91
CA LEU B 134 1.07 -17.34 3.32
C LEU B 134 0.97 -18.26 4.54
N GLY B 135 1.89 -19.23 4.62
CA GLY B 135 1.94 -20.15 5.76
C GLY B 135 1.23 -21.44 5.46
N ALA B 136 1.00 -21.65 4.16
CA ALA B 136 0.51 -22.91 3.60
C ALA B 136 1.65 -23.89 3.72
N LEU B 137 2.86 -23.39 3.48
CA LEU B 137 4.06 -24.22 3.45
C LEU B 137 5.01 -23.78 4.56
N ARG B 138 5.65 -24.75 5.22
CA ARG B 138 6.62 -24.44 6.25
C ARG B 138 7.85 -23.78 5.65
N SER B 139 8.46 -22.91 6.46
CA SER B 139 9.71 -22.26 6.12
C SER B 139 10.64 -23.33 5.67
N ASN B 140 10.75 -24.35 6.50
CA ASN B 140 11.56 -25.52 6.26
C ASN B 140 10.60 -26.55 5.70
N TYR B 141 10.53 -26.64 4.38
CA TYR B 141 9.68 -27.68 3.77
C TYR B 141 10.54 -28.62 2.98
N GLU B 142 9.98 -29.79 2.76
CA GLU B 142 10.64 -30.82 2.00
C GLU B 142 9.93 -30.90 0.66
N VAL B 143 10.70 -31.06 -0.42
CA VAL B 143 10.17 -31.27 -1.77
C VAL B 143 10.46 -32.69 -2.21
N LYS B 144 9.49 -33.32 -2.85
CA LYS B 144 9.63 -34.69 -3.31
C LYS B 144 9.10 -34.82 -4.71
N GLY B 145 9.80 -35.61 -5.54
CA GLY B 145 9.36 -35.98 -6.90
C GLY B 145 8.28 -37.04 -6.83
N HIS B 146 7.23 -36.89 -7.63
CA HIS B 146 6.06 -37.80 -7.60
C HIS B 146 6.42 -39.24 -7.42
N ARG B 147 7.36 -39.69 -8.25
CA ARG B 147 7.88 -41.04 -8.19
C ARG B 147 8.59 -41.41 -6.88
N ASP B 148 8.75 -40.46 -5.96
CA ASP B 148 9.37 -40.76 -4.68
C ASP B 148 8.35 -41.17 -3.67
N VAL B 149 7.10 -40.89 -3.97
CA VAL B 149 6.04 -41.18 -3.04
C VAL B 149 4.97 -42.09 -3.62
N GLN B 150 5.13 -42.43 -4.90
CA GLN B 150 4.17 -43.23 -5.62
C GLN B 150 4.95 -43.81 -6.75
N PRO B 151 4.53 -45.00 -7.27
CA PRO B 151 5.30 -45.76 -8.21
C PRO B 151 4.78 -45.32 -9.50
N THR B 152 5.50 -44.41 -10.12
CA THR B 152 5.08 -43.76 -11.35
C THR B 152 6.29 -43.15 -11.98
N LEU B 153 6.21 -42.88 -13.27
CA LEU B 153 7.33 -42.25 -13.94
C LEU B 153 7.22 -40.73 -13.89
N SER B 154 6.07 -40.23 -13.41
CA SER B 154 5.91 -38.84 -13.01
C SER B 154 7.04 -38.39 -12.08
N PRO B 155 7.65 -37.23 -12.36
CA PRO B 155 7.38 -36.19 -13.36
C PRO B 155 8.23 -36.27 -14.65
N GLY B 156 8.64 -37.46 -15.06
CA GLY B 156 9.55 -37.58 -16.18
C GLY B 156 10.99 -37.48 -15.71
N ASP B 157 11.90 -38.09 -16.47
CA ASP B 157 13.28 -38.29 -15.99
C ASP B 157 13.99 -36.97 -15.99
N ARG B 158 13.71 -36.19 -17.03
CA ARG B 158 14.41 -34.96 -17.24
C ARG B 158 13.99 -33.89 -16.22
N LEU B 159 12.72 -33.90 -15.86
CA LEU B 159 12.22 -32.94 -14.87
C LEU B 159 12.58 -33.39 -13.47
N TYR B 160 12.53 -34.68 -13.24
CA TYR B 160 13.13 -35.26 -12.04
C TYR B 160 14.56 -34.76 -11.73
N GLU B 161 15.51 -35.04 -12.62
CA GLU B 161 16.89 -34.58 -12.42
C GLU B 161 16.94 -33.15 -11.82
N ILE B 162 16.28 -32.22 -12.50
CA ILE B 162 16.30 -30.85 -12.06
C ILE B 162 15.88 -30.72 -10.62
N ILE B 163 14.73 -31.28 -10.25
CA ILE B 163 14.21 -30.99 -8.92
C ILE B 163 15.06 -31.62 -7.89
N GLN B 164 15.95 -32.51 -8.29
CA GLN B 164 16.86 -33.11 -7.31
C GLN B 164 17.90 -32.08 -6.83
N THR B 165 18.07 -31.02 -7.61
CA THR B 165 19.07 -30.03 -7.39
C THR B 165 18.46 -28.86 -6.68
N TRP B 166 17.17 -28.95 -6.36
CA TRP B 166 16.55 -27.92 -5.54
C TRP B 166 16.98 -28.09 -4.10
N SER B 167 17.29 -26.96 -3.46
CA SER B 167 17.72 -26.90 -2.06
C SER B 167 16.72 -27.50 -1.09
N HIS B 168 15.44 -27.27 -1.37
CA HIS B 168 14.37 -27.87 -0.57
C HIS B 168 13.97 -29.30 -0.94
N TYR B 169 14.55 -29.84 -2.03
CA TYR B 169 14.37 -31.24 -2.38
C TYR B 169 14.95 -32.21 -1.34
N ARG B 170 14.27 -33.31 -1.10
CA ARG B 170 14.71 -34.24 -0.11
C ARG B 170 14.11 -35.54 -0.45
N ALA B 171 14.92 -36.51 -0.85
CA ALA B 171 14.38 -37.81 -1.18
C ALA B 171 13.66 -38.41 -0.01
N GLU C 1 3.78 44.84 -10.83
CA GLU C 1 4.30 43.84 -9.87
C GLU C 1 5.84 43.79 -9.90
N ASP C 2 6.44 44.84 -10.46
CA ASP C 2 7.87 44.82 -10.80
C ASP C 2 8.91 45.00 -9.66
N PRO C 3 8.54 45.64 -8.53
CA PRO C 3 9.51 45.68 -7.43
C PRO C 3 9.02 45.14 -6.06
N PRO C 4 9.28 43.85 -5.77
CA PRO C 4 8.89 43.19 -4.51
C PRO C 4 10.07 42.65 -3.64
N ALA C 5 9.85 42.17 -2.40
CA ALA C 5 8.55 42.12 -1.67
C ALA C 5 8.56 41.82 -0.15
N CYS C 6 8.88 40.58 0.22
CA CYS C 6 8.58 40.04 1.56
C CYS C 6 9.76 39.48 2.40
N GLY C 7 9.98 38.15 2.35
CA GLY C 7 11.26 37.56 2.79
C GLY C 7 11.66 37.12 4.20
N SER C 8 10.81 37.04 5.21
CA SER C 8 11.11 36.86 6.66
C SER C 8 11.31 35.41 7.12
N ILE C 9 11.23 34.49 6.20
CA ILE C 9 11.41 33.09 6.45
C ILE C 9 12.84 32.71 6.61
N VAL C 10 13.12 31.79 7.51
CA VAL C 10 14.43 31.12 7.62
C VAL C 10 14.39 29.93 6.68
N PRO C 11 15.29 29.93 5.66
CA PRO C 11 15.36 28.87 4.66
C PRO C 11 15.73 27.51 5.24
N ARG C 12 15.34 26.47 4.51
CA ARG C 12 15.69 25.09 4.82
C ARG C 12 17.17 24.98 5.14
N ARG C 13 17.99 25.33 4.18
CA ARG C 13 19.41 25.05 4.27
C ARG C 13 19.96 25.63 5.57
N GLU C 14 19.28 26.68 6.06
CA GLU C 14 19.76 27.43 7.21
C GLU C 14 19.43 26.72 8.47
N TRP C 15 18.33 25.96 8.53
CA TRP C 15 18.01 25.11 9.69
C TRP C 15 18.34 23.66 9.39
N ARG C 16 19.07 23.46 8.31
CA ARG C 16 19.64 22.18 7.99
C ARG C 16 18.59 21.14 7.85
N ALA C 17 17.54 21.45 7.12
CA ALA C 17 16.57 20.45 6.74
C ALA C 17 17.21 19.35 5.90
N LEU C 18 16.60 18.18 5.88
CA LEU C 18 17.11 17.13 5.01
C LEU C 18 16.49 17.36 3.67
N ALA C 19 17.07 16.79 2.63
CA ALA C 19 16.49 16.98 1.29
C ALA C 19 14.98 16.65 1.27
N SER C 20 14.14 17.60 0.87
CA SER C 20 12.74 17.28 0.58
C SER C 20 12.65 16.37 -0.67
N GLU C 21 11.82 15.34 -0.63
CA GLU C 21 11.69 14.40 -1.75
C GLU C 21 10.32 14.54 -2.44
N CYS C 22 9.65 15.66 -2.14
CA CYS C 22 8.28 15.89 -2.58
C CYS C 22 8.24 16.36 -4.01
N ARG C 23 7.17 16.06 -4.72
CA ARG C 23 7.00 16.58 -6.07
C ARG C 23 5.59 17.06 -6.42
N GLU C 24 4.74 17.31 -5.43
CA GLU C 24 3.36 17.69 -5.75
C GLU C 24 3.15 19.19 -5.56
N ARG C 25 2.69 19.87 -6.62
CA ARG C 25 2.66 21.35 -6.59
C ARG C 25 1.30 21.88 -6.36
N LEU C 26 1.22 22.88 -5.50
CA LEU C 26 0.02 23.69 -5.36
C LEU C 26 -0.23 24.57 -6.59
N THR C 27 -1.50 24.78 -6.95
CA THR C 27 -1.81 25.81 -7.93
C THR C 27 -1.80 27.16 -7.25
N ARG C 28 -1.04 28.11 -7.77
CA ARG C 28 -1.06 29.48 -7.10
C ARG C 28 -1.81 30.46 -8.01
N PRO C 29 -2.52 31.44 -7.38
CA PRO C 29 -2.61 31.75 -5.96
C PRO C 29 -3.51 30.81 -5.16
N VAL C 30 -3.12 30.67 -3.90
CA VAL C 30 -3.66 29.65 -3.05
C VAL C 30 -4.67 30.39 -2.25
N ARG C 31 -5.89 29.82 -2.10
CA ARG C 31 -7.03 30.52 -1.50
C ARG C 31 -7.10 30.44 0.03
N TYR C 32 -6.75 29.28 0.57
CA TYR C 32 -6.92 28.95 1.99
C TYR C 32 -5.61 28.78 2.79
N VAL C 33 -5.61 29.23 4.04
CA VAL C 33 -4.47 29.01 4.95
C VAL C 33 -4.86 28.20 6.19
N VAL C 34 -4.25 27.06 6.42
CA VAL C 34 -4.67 26.22 7.54
C VAL C 34 -3.64 26.31 8.66
N VAL C 35 -4.12 26.66 9.85
CA VAL C 35 -3.24 26.89 11.01
C VAL C 35 -3.32 25.76 11.98
N SER C 36 -2.17 25.16 12.23
CA SER C 36 -2.02 24.00 13.09
C SER C 36 -0.94 24.23 14.14
N HIS C 37 -0.80 23.29 15.07
CA HIS C 37 0.36 23.33 15.93
C HIS C 37 1.08 22.02 15.98
N THR C 38 2.34 22.09 16.37
CA THR C 38 3.18 20.93 16.38
C THR C 38 2.79 20.01 17.54
N ALA C 39 2.16 20.58 18.56
CA ALA C 39 1.73 19.79 19.74
C ALA C 39 2.89 19.26 20.58
N GLY C 40 4.10 19.80 20.33
CA GLY C 40 5.28 19.54 21.16
C GLY C 40 5.82 20.74 21.91
N SER C 41 7.14 20.80 22.01
CA SER C 41 7.83 21.84 22.75
C SER C 41 7.94 23.14 21.97
N HIS C 42 7.83 24.23 22.71
CA HIS C 42 8.06 25.54 22.14
C HIS C 42 9.56 25.88 22.16
N CYS C 43 9.99 26.75 21.26
CA CYS C 43 11.33 27.27 21.31
C CYS C 43 11.33 28.79 21.33
N ASP C 44 12.45 29.35 21.71
CA ASP C 44 12.56 30.75 21.99
C ASP C 44 13.86 31.34 21.38
N THR C 45 14.60 30.52 20.64
CA THR C 45 15.86 30.97 20.02
C THR C 45 16.00 30.37 18.64
N PRO C 46 16.76 31.02 17.78
CA PRO C 46 16.95 30.46 16.48
C PRO C 46 17.60 29.09 16.58
N ALA C 47 18.55 28.95 17.49
CA ALA C 47 19.20 27.67 17.68
C ALA C 47 18.15 26.63 18.07
N SER C 48 17.40 26.89 19.13
CA SER C 48 16.45 25.88 19.60
C SER C 48 15.52 25.53 18.46
N CYS C 49 14.85 26.54 17.91
CA CYS C 49 13.93 26.40 16.77
C CYS C 49 14.56 25.75 15.53
N ALA C 50 15.84 25.91 15.29
CA ALA C 50 16.44 25.14 14.21
C ALA C 50 16.34 23.62 14.50
N GLN C 51 16.56 23.25 15.76
CA GLN C 51 16.47 21.85 16.14
C GLN C 51 15.01 21.42 16.13
N GLN C 52 14.15 22.28 16.65
CA GLN C 52 12.78 21.88 16.82
C GLN C 52 12.24 21.61 15.45
N ALA C 53 12.59 22.48 14.50
CA ALA C 53 12.25 22.28 13.10
C ALA C 53 12.79 20.95 12.65
N GLN C 54 14.01 20.68 13.08
CA GLN C 54 14.65 19.41 12.79
C GLN C 54 13.87 18.21 13.26
N ASN C 55 13.46 18.22 14.53
CA ASN C 55 12.76 17.05 15.06
C ASN C 55 11.47 16.79 14.30
N VAL C 56 10.76 17.84 13.96
CA VAL C 56 9.46 17.64 13.38
C VAL C 56 9.64 16.93 12.08
N GLN C 57 10.62 17.39 11.31
CA GLN C 57 10.86 16.76 10.03
C GLN C 57 11.26 15.28 10.21
N SER C 58 12.18 15.07 11.15
CA SER C 58 12.63 13.74 11.51
C SER C 58 11.40 12.84 11.77
N TYR C 59 10.47 13.27 12.64
CA TYR C 59 9.24 12.51 12.87
C TYR C 59 8.47 12.25 11.56
N HIS C 60 8.40 13.23 10.66
CA HIS C 60 7.63 13.06 9.42
C HIS C 60 8.28 12.18 8.38
N VAL C 61 9.60 12.31 8.26
CA VAL C 61 10.32 11.62 7.20
C VAL C 61 10.99 10.36 7.69
N ARG C 62 11.53 10.39 8.92
CA ARG C 62 12.21 9.23 9.56
C ARG C 62 11.20 8.17 9.97
N ASN C 63 10.24 8.57 10.82
CA ASN C 63 9.20 7.68 11.31
C ASN C 63 8.09 7.36 10.31
N LEU C 64 7.43 8.41 9.82
CA LEU C 64 6.21 8.23 9.06
C LEU C 64 6.52 7.95 7.58
N GLY C 65 7.77 8.14 7.19
CA GLY C 65 8.19 7.75 5.85
C GLY C 65 7.82 8.74 4.75
N TRP C 66 7.65 9.99 5.13
CA TRP C 66 7.09 11.02 4.25
C TRP C 66 8.13 11.57 3.29
N CYS C 67 7.72 12.49 2.39
CA CYS C 67 8.63 13.12 1.43
C CYS C 67 9.35 14.29 2.09
N ASP C 68 8.69 14.93 3.05
CA ASP C 68 9.21 16.11 3.77
C ASP C 68 8.35 16.32 5.01
N VAL C 69 8.74 17.27 5.84
CA VAL C 69 7.91 17.71 6.94
C VAL C 69 6.62 18.27 6.34
N GLY C 70 5.54 18.13 7.08
CA GLY C 70 4.20 18.28 6.55
C GLY C 70 3.94 19.68 6.14
N TYR C 71 4.26 20.64 7.00
CA TYR C 71 3.87 22.01 6.82
C TYR C 71 4.59 22.75 5.69
N ASN C 72 4.00 23.86 5.25
CA ASN C 72 4.64 24.64 4.24
C ASN C 72 5.52 25.60 4.96
N PHE C 73 5.04 26.04 6.11
CA PHE C 73 5.86 26.85 6.95
C PHE C 73 5.64 26.46 8.41
N LEU C 74 6.68 26.60 9.24
CA LEU C 74 6.48 26.48 10.68
C LEU C 74 6.88 27.79 11.32
N ILE C 75 6.08 28.25 12.28
CA ILE C 75 6.41 29.44 13.04
C ILE C 75 6.97 29.02 14.39
N GLY C 76 8.18 29.51 14.69
CA GLY C 76 8.81 29.31 15.98
C GLY C 76 8.46 30.50 16.86
N GLU C 77 8.63 30.35 18.17
CA GLU C 77 8.38 31.43 19.14
C GLU C 77 9.61 32.33 19.28
N ASP C 78 10.66 32.00 18.56
CA ASP C 78 11.77 32.89 18.47
C ASP C 78 11.48 33.95 17.43
N GLY C 79 10.24 34.02 16.98
CA GLY C 79 9.83 35.13 16.12
C GLY C 79 10.12 35.01 14.66
N LEU C 80 10.72 33.90 14.24
CA LEU C 80 11.06 33.65 12.82
C LEU C 80 10.25 32.52 12.24
N VAL C 81 10.27 32.38 10.91
CA VAL C 81 9.46 31.41 10.14
C VAL C 81 10.36 30.34 9.51
N TYR C 82 9.92 29.08 9.48
CA TYR C 82 10.80 27.99 8.95
C TYR C 82 10.30 27.44 7.60
N GLU C 83 11.12 27.59 6.56
CA GLU C 83 10.73 27.11 5.22
C GLU C 83 10.48 25.64 5.42
N GLY C 84 9.20 25.26 5.32
CA GLY C 84 8.83 23.87 5.26
C GLY C 84 8.86 23.57 3.80
N ARG C 85 7.73 23.12 3.27
CA ARG C 85 7.63 22.84 1.84
C ARG C 85 7.45 24.11 1.08
N GLY C 86 7.19 25.22 1.78
CA GLY C 86 7.12 26.52 1.14
C GLY C 86 5.84 26.70 0.34
N TRP C 87 5.87 27.61 -0.62
CA TRP C 87 4.70 28.17 -1.30
C TRP C 87 4.29 27.38 -2.49
N ASN C 88 5.18 26.64 -3.11
CA ASN C 88 4.82 25.99 -4.37
C ASN C 88 4.56 24.47 -4.26
N ILE C 89 4.59 23.92 -3.06
CA ILE C 89 4.39 22.44 -2.97
C ILE C 89 3.35 22.06 -1.96
N LYS C 90 2.58 21.04 -2.36
CA LYS C 90 1.50 20.47 -1.57
C LYS C 90 1.97 20.05 -0.20
N GLY C 91 1.39 20.64 0.84
CA GLY C 91 1.63 20.23 2.27
C GLY C 91 1.04 18.86 2.49
N ALA C 92 1.41 18.25 3.61
CA ALA C 92 0.63 17.17 4.06
C ALA C 92 0.25 17.42 5.51
N HIS C 93 -0.86 18.14 5.69
CA HIS C 93 -1.24 18.69 6.96
C HIS C 93 -2.75 18.87 7.20
N ALA C 94 -3.62 18.49 6.25
CA ALA C 94 -5.10 18.62 6.47
C ALA C 94 -6.01 17.69 5.64
N GLY C 95 -5.41 16.63 5.10
CA GLY C 95 -6.17 15.63 4.39
C GLY C 95 -6.27 15.93 2.91
N PRO C 96 -6.81 14.97 2.12
CA PRO C 96 -6.66 15.12 0.67
C PRO C 96 -7.63 16.15 0.14
N THR C 97 -8.62 16.51 0.95
CA THR C 97 -9.53 17.53 0.48
C THR C 97 -8.92 18.94 0.54
N TRP C 98 -7.98 19.18 1.44
CA TRP C 98 -7.52 20.55 1.70
C TRP C 98 -6.09 20.80 1.35
N ASN C 99 -5.28 19.76 1.39
CA ASN C 99 -3.89 19.91 1.05
C ASN C 99 -3.68 20.44 -0.37
N PRO C 100 -4.48 19.96 -1.36
CA PRO C 100 -4.25 20.57 -2.69
C PRO C 100 -4.59 22.07 -2.76
N ILE C 101 -5.41 22.58 -1.86
CA ILE C 101 -5.91 23.95 -1.93
C ILE C 101 -5.52 24.88 -0.78
N SER C 102 -4.49 24.52 -0.03
CA SER C 102 -4.11 25.37 1.09
C SER C 102 -2.64 25.35 1.32
N ILE C 103 -2.09 26.41 1.91
CA ILE C 103 -0.82 26.23 2.61
C ILE C 103 -1.08 26.08 4.10
N GLY C 104 -0.24 25.27 4.73
CA GLY C 104 -0.40 25.00 6.15
C GLY C 104 0.74 25.57 6.93
N ILE C 105 0.43 26.59 7.73
CA ILE C 105 1.44 27.08 8.65
C ILE C 105 1.08 26.46 9.96
N SER C 106 2.10 26.11 10.75
CA SER C 106 1.90 25.38 11.99
C SER C 106 2.88 25.89 13.01
N PHE C 107 2.34 26.30 14.14
CA PHE C 107 3.16 26.87 15.17
C PHE C 107 3.85 25.71 15.85
N MET C 108 5.11 25.93 16.21
CA MET C 108 5.94 24.94 16.89
C MET C 108 5.88 25.20 18.36
N GLY C 109 4.85 24.62 19.00
CA GLY C 109 4.72 24.56 20.46
C GLY C 109 3.47 23.76 20.81
N ASN C 110 3.03 23.83 22.07
CA ASN C 110 1.69 23.37 22.37
C ASN C 110 0.79 24.44 23.00
N TYR C 111 -0.31 24.74 22.35
CA TYR C 111 -1.04 25.94 22.70
C TYR C 111 -2.41 25.75 23.30
N MET C 112 -2.54 24.68 24.08
CA MET C 112 -3.76 24.40 24.80
C MET C 112 -3.93 25.25 26.06
N ASN C 113 -2.83 25.69 26.64
CA ASN C 113 -2.85 26.46 27.88
C ASN C 113 -1.84 27.61 27.90
N ARG C 114 -1.32 27.93 26.73
CA ARG C 114 -0.26 28.93 26.52
C ARG C 114 -0.62 29.71 25.26
N VAL C 115 -0.47 31.02 25.38
CA VAL C 115 -0.52 31.88 24.21
C VAL C 115 0.89 31.98 23.58
N PRO C 116 1.01 31.70 22.27
CA PRO C 116 2.30 31.90 21.60
C PRO C 116 2.66 33.38 21.66
N PRO C 117 3.95 33.72 21.82
CA PRO C 117 4.27 35.12 22.07
C PRO C 117 3.91 36.05 20.89
N PRO C 118 3.53 37.33 21.18
CA PRO C 118 3.20 38.30 20.16
C PRO C 118 4.14 38.27 18.94
N ARG C 119 5.41 37.98 19.17
CA ARG C 119 6.37 37.94 18.07
C ARG C 119 5.99 36.80 17.14
N ALA C 120 5.57 35.67 17.67
CA ALA C 120 5.24 34.55 16.81
C ALA C 120 4.07 34.90 15.93
N LEU C 121 3.12 35.65 16.50
CA LEU C 121 1.93 36.07 15.77
C LEU C 121 2.38 37.05 14.72
N ARG C 122 3.06 38.10 15.16
CA ARG C 122 3.65 39.05 14.22
C ARG C 122 4.29 38.27 13.09
N ALA C 123 5.04 37.25 13.44
CA ALA C 123 5.75 36.53 12.43
C ALA C 123 4.79 35.93 11.50
N ALA C 124 3.68 35.42 12.02
CA ALA C 124 2.73 34.70 11.19
C ALA C 124 1.93 35.59 10.30
N GLN C 125 1.45 36.68 10.84
CA GLN C 125 0.69 37.60 10.05
C GLN C 125 1.56 38.17 8.96
N ASN C 126 2.79 38.44 9.33
CA ASN C 126 3.83 38.95 8.48
C ASN C 126 4.17 38.02 7.35
N LEU C 127 3.93 36.75 7.54
CA LEU C 127 4.31 35.72 6.57
C LEU C 127 3.24 35.62 5.50
N LEU C 128 2.03 36.00 5.87
CA LEU C 128 0.92 35.85 5.00
C LEU C 128 0.96 36.99 4.04
N ALA C 129 1.18 38.20 4.56
CA ALA C 129 1.36 39.40 3.75
C ALA C 129 2.38 39.12 2.63
N CYS C 130 3.52 38.60 3.03
CA CYS C 130 4.52 38.14 2.12
C CYS C 130 3.93 37.28 1.01
N GLY C 131 3.10 36.32 1.39
CA GLY C 131 2.58 35.37 0.44
C GLY C 131 1.68 36.04 -0.54
N VAL C 132 0.83 36.90 -0.02
CA VAL C 132 0.01 37.71 -0.88
C VAL C 132 0.91 38.49 -1.85
N ALA C 133 1.83 39.29 -1.31
CA ALA C 133 2.72 40.14 -2.08
C ALA C 133 3.31 39.42 -3.26
N LEU C 134 3.45 38.10 -3.14
CA LEU C 134 4.09 37.29 -4.15
C LEU C 134 3.10 36.66 -5.15
N GLY C 135 1.79 36.82 -4.92
CA GLY C 135 0.81 36.00 -5.61
C GLY C 135 0.76 34.55 -5.13
N ALA C 136 1.46 34.24 -4.05
CA ALA C 136 1.38 32.92 -3.50
C ALA C 136 0.01 32.67 -2.88
N LEU C 137 -0.58 33.69 -2.29
CA LEU C 137 -1.94 33.57 -1.77
C LEU C 137 -2.87 34.55 -2.47
N ARG C 138 -4.15 34.22 -2.52
CA ARG C 138 -5.13 35.15 -3.05
C ARG C 138 -5.26 36.32 -2.07
N SER C 139 -5.48 37.55 -2.55
CA SER C 139 -5.44 38.69 -1.65
C SER C 139 -6.52 38.69 -0.59
N ASN C 140 -7.58 37.91 -0.81
CA ASN C 140 -8.73 37.73 0.09
C ASN C 140 -8.67 36.39 0.81
N TYR C 141 -7.48 35.84 0.96
CA TYR C 141 -7.29 34.47 1.46
C TYR C 141 -8.07 34.16 2.71
N GLU C 142 -8.54 32.92 2.78
CA GLU C 142 -9.30 32.40 3.90
C GLU C 142 -8.40 31.55 4.86
N VAL C 143 -8.30 32.01 6.11
CA VAL C 143 -7.59 31.29 7.18
C VAL C 143 -8.56 30.39 7.88
N LYS C 144 -8.12 29.19 8.25
CA LYS C 144 -8.96 28.15 8.92
C LYS C 144 -8.13 27.41 9.95
N GLY C 145 -8.70 27.19 11.13
CA GLY C 145 -8.06 26.37 12.15
C GLY C 145 -7.98 24.90 11.75
N HIS C 146 -6.96 24.18 12.18
CA HIS C 146 -6.86 22.74 11.92
C HIS C 146 -8.09 21.95 12.32
N ARG C 147 -8.64 22.23 13.49
CA ARG C 147 -9.85 21.52 13.99
C ARG C 147 -11.13 21.75 13.18
N ASP C 148 -11.08 22.80 12.37
CA ASP C 148 -12.17 23.25 11.54
C ASP C 148 -12.31 22.40 10.30
N VAL C 149 -11.21 21.80 9.87
CA VAL C 149 -11.19 20.95 8.66
C VAL C 149 -10.85 19.51 9.00
N GLN C 150 -10.40 19.30 10.23
CA GLN C 150 -9.95 17.98 10.67
C GLN C 150 -10.36 17.81 12.10
N PRO C 151 -10.60 16.57 12.51
CA PRO C 151 -10.79 16.24 13.91
C PRO C 151 -9.44 16.23 14.63
N THR C 152 -9.26 17.19 15.53
CA THR C 152 -8.02 17.32 16.33
C THR C 152 -8.23 18.53 17.22
N LEU C 153 -7.41 18.67 18.26
CA LEU C 153 -7.39 19.92 19.03
C LEU C 153 -6.43 20.97 18.42
N SER C 154 -5.63 20.58 17.44
CA SER C 154 -4.78 21.54 16.76
C SER C 154 -5.61 22.70 16.26
N PRO C 155 -5.18 23.94 16.54
CA PRO C 155 -3.91 24.40 17.09
C PRO C 155 -3.88 24.78 18.58
N GLY C 156 -4.82 24.26 19.37
CA GLY C 156 -4.91 24.62 20.79
C GLY C 156 -6.05 25.58 21.14
N ASP C 157 -6.66 25.39 22.31
CA ASP C 157 -7.71 26.29 22.78
C ASP C 157 -7.30 27.79 22.80
N ARG C 158 -6.13 28.11 23.36
CA ARG C 158 -5.74 29.51 23.56
C ARG C 158 -5.42 30.17 22.23
N LEU C 159 -4.87 29.38 21.31
CA LEU C 159 -4.47 29.85 19.97
C LEU C 159 -5.62 29.89 18.98
N TYR C 160 -6.36 28.78 18.90
CA TYR C 160 -7.58 28.69 18.08
C TYR C 160 -8.39 29.91 18.33
N GLU C 161 -8.60 30.16 19.60
CA GLU C 161 -9.22 31.37 20.06
C GLU C 161 -8.69 32.62 19.33
N ILE C 162 -7.38 32.85 19.32
CA ILE C 162 -6.85 34.06 18.71
C ILE C 162 -7.13 34.09 17.21
N ILE C 163 -6.82 33.03 16.49
CA ILE C 163 -6.99 33.10 15.05
C ILE C 163 -8.45 33.17 14.63
N GLN C 164 -9.35 33.11 15.59
CA GLN C 164 -10.77 33.28 15.27
C GLN C 164 -11.15 34.77 15.22
N THR C 165 -10.16 35.61 15.52
CA THR C 165 -10.32 37.04 15.49
C THR C 165 -9.61 37.64 14.26
N TRP C 166 -8.92 36.78 13.51
CA TRP C 166 -8.13 37.25 12.39
C TRP C 166 -9.03 37.72 11.28
N SER C 167 -8.72 38.91 10.77
CA SER C 167 -9.44 39.51 9.64
C SER C 167 -9.73 38.49 8.51
N HIS C 168 -8.81 37.54 8.29
CA HIS C 168 -8.92 36.58 7.18
C HIS C 168 -9.55 35.25 7.57
N TYR C 169 -10.00 35.14 8.81
CA TYR C 169 -10.61 33.91 9.31
C TYR C 169 -12.01 33.62 8.74
N ARG C 170 -12.32 32.34 8.52
CA ARG C 170 -13.64 32.00 7.99
C ARG C 170 -14.18 30.69 8.54
N ALA C 171 -15.26 30.84 9.32
CA ALA C 171 -16.04 29.77 9.93
C ALA C 171 -15.52 28.36 9.63
N GLU D 1 -26.13 -22.97 9.51
CA GLU D 1 -25.77 -21.81 10.31
C GLU D 1 -25.63 -22.17 11.79
N ASP D 2 -25.85 -21.19 12.65
CA ASP D 2 -25.74 -21.41 14.11
C ASP D 2 -24.37 -21.36 14.86
N PRO D 3 -23.23 -21.02 14.26
CA PRO D 3 -22.05 -20.92 15.17
C PRO D 3 -21.76 -19.55 15.81
N PRO D 4 -21.91 -19.36 17.14
CA PRO D 4 -21.57 -18.08 17.72
C PRO D 4 -22.17 -16.84 17.06
N ALA D 5 -21.34 -15.83 16.78
CA ALA D 5 -19.93 -15.92 17.06
C ALA D 5 -19.35 -14.87 18.00
N CYS D 6 -19.72 -13.62 17.74
CA CYS D 6 -18.98 -12.39 18.09
C CYS D 6 -19.47 -11.45 19.21
N GLY D 7 -20.60 -10.81 18.94
CA GLY D 7 -20.94 -9.43 19.23
C GLY D 7 -20.50 -8.61 20.42
N SER D 8 -21.53 -8.16 21.17
CA SER D 8 -21.53 -7.15 22.26
C SER D 8 -21.05 -5.73 21.85
N ILE D 9 -21.63 -5.24 20.74
CA ILE D 9 -21.48 -3.87 20.28
C ILE D 9 -22.87 -3.22 20.39
N VAL D 10 -22.89 -1.95 20.84
CA VAL D 10 -24.09 -1.06 20.88
C VAL D 10 -24.38 -0.53 19.45
N PRO D 11 -25.50 -0.93 18.85
CA PRO D 11 -25.63 -0.54 17.48
C PRO D 11 -26.01 0.92 17.28
N ARG D 12 -25.87 1.38 16.04
CA ARG D 12 -26.13 2.76 15.67
C ARG D 12 -27.44 3.27 16.26
N ARG D 13 -28.55 2.69 15.84
CA ARG D 13 -29.83 3.14 16.30
C ARG D 13 -29.81 3.36 17.82
N GLU D 14 -29.14 2.47 18.54
CA GLU D 14 -29.23 2.48 19.99
C GLU D 14 -28.60 3.72 20.55
N TRP D 15 -27.39 4.05 20.12
CA TRP D 15 -26.78 5.29 20.56
C TRP D 15 -27.34 6.49 19.79
N ARG D 16 -28.37 6.23 19.00
CA ARG D 16 -29.14 7.27 18.32
C ARG D 16 -28.37 8.01 17.23
N ALA D 17 -27.43 7.36 16.54
CA ALA D 17 -26.62 8.03 15.51
C ALA D 17 -27.45 8.68 14.40
N LEU D 18 -26.97 9.77 13.86
CA LEU D 18 -27.51 10.26 12.61
C LEU D 18 -27.31 9.19 11.54
N ALA D 19 -28.24 9.15 10.57
CA ALA D 19 -28.19 8.14 9.51
C ALA D 19 -26.99 8.38 8.60
N SER D 20 -26.08 7.42 8.49
CA SER D 20 -24.89 7.63 7.67
C SER D 20 -25.10 7.79 6.16
N GLU D 21 -24.33 8.68 5.55
CA GLU D 21 -24.47 8.89 4.13
C GLU D 21 -23.31 8.32 3.34
N CYS D 22 -22.41 7.61 4.00
CA CYS D 22 -21.20 7.12 3.36
C CYS D 22 -21.40 6.02 2.37
N ARG D 23 -20.90 6.21 1.16
CA ARG D 23 -20.90 5.17 0.16
C ARG D 23 -19.74 4.17 0.34
N GLU D 24 -18.50 4.69 0.43
CA GLU D 24 -17.23 3.94 0.18
C GLU D 24 -16.96 2.74 1.07
N ARG D 25 -16.77 1.57 0.45
CA ARG D 25 -16.62 0.28 1.16
C ARG D 25 -15.21 -0.04 1.63
N LEU D 26 -15.03 -1.13 2.38
CA LEU D 26 -13.67 -1.70 2.65
C LEU D 26 -13.65 -3.12 2.11
N THR D 27 -12.45 -3.66 1.89
CA THR D 27 -12.34 -5.03 1.39
C THR D 27 -11.88 -5.98 2.46
N ARG D 28 -12.73 -6.95 2.79
CA ARG D 28 -12.40 -7.93 3.81
C ARG D 28 -11.71 -9.15 3.19
N PRO D 29 -10.76 -9.77 3.96
CA PRO D 29 -10.43 -9.34 5.31
C PRO D 29 -9.38 -8.24 5.34
N VAL D 30 -9.67 -7.19 6.11
CA VAL D 30 -8.82 -6.02 6.38
C VAL D 30 -7.64 -6.51 7.19
N ARG D 31 -6.46 -5.92 6.94
CA ARG D 31 -5.23 -6.31 7.62
C ARG D 31 -4.85 -5.44 8.80
N TYR D 32 -5.22 -4.15 8.74
CA TYR D 32 -4.73 -3.17 9.71
C TYR D 32 -5.78 -2.54 10.63
N VAL D 33 -5.35 -2.16 11.84
CA VAL D 33 -6.21 -1.53 12.82
C VAL D 33 -5.37 -0.41 13.36
N VAL D 34 -5.93 0.80 13.38
CA VAL D 34 -5.23 1.96 13.94
C VAL D 34 -5.94 2.44 15.22
N VAL D 35 -5.19 2.55 16.32
CA VAL D 35 -5.82 3.00 17.54
C VAL D 35 -5.74 4.49 17.76
N SER D 36 -6.89 5.13 17.94
CA SER D 36 -6.90 6.57 18.11
C SER D 36 -7.56 6.85 19.44
N HIS D 37 -7.46 8.10 19.89
CA HIS D 37 -8.33 8.55 20.94
C HIS D 37 -9.02 9.83 20.54
N THR D 38 -10.25 10.00 21.01
CA THR D 38 -11.05 11.14 20.68
C THR D 38 -10.46 12.41 21.25
N ALA D 39 -9.55 12.26 22.21
CA ALA D 39 -8.84 13.40 22.81
C ALA D 39 -9.79 14.34 23.57
N GLY D 40 -11.08 13.98 23.62
CA GLY D 40 -12.07 14.70 24.42
C GLY D 40 -12.29 14.16 25.82
N SER D 41 -13.42 14.55 26.42
CA SER D 41 -13.87 13.97 27.68
C SER D 41 -14.20 12.47 27.59
N HIS D 42 -14.09 11.79 28.72
CA HIS D 42 -14.38 10.36 28.81
C HIS D 42 -15.75 10.16 29.46
N CYS D 43 -16.30 8.98 29.23
CA CYS D 43 -17.61 8.58 29.70
C CYS D 43 -17.50 7.15 30.27
N ASP D 44 -18.28 6.86 31.29
CA ASP D 44 -18.11 5.60 32.00
C ASP D 44 -19.46 4.96 32.37
N THR D 45 -20.50 5.45 31.70
CA THR D 45 -21.84 4.93 31.81
C THR D 45 -22.41 4.80 30.41
N PRO D 46 -23.19 3.74 30.18
CA PRO D 46 -23.90 3.52 28.92
C PRO D 46 -24.66 4.76 28.48
N ALA D 47 -25.21 5.46 29.50
CA ALA D 47 -25.95 6.73 29.39
C ALA D 47 -25.14 7.85 28.73
N SER D 48 -23.97 8.16 29.30
CA SER D 48 -23.11 9.22 28.78
C SER D 48 -22.35 8.83 27.57
N CYS D 49 -21.85 7.60 27.55
CA CYS D 49 -21.03 7.13 26.44
C CYS D 49 -21.79 7.17 25.11
N ALA D 50 -23.06 6.76 25.17
CA ALA D 50 -24.03 6.98 24.06
C ALA D 50 -24.14 8.48 23.75
N GLN D 51 -24.22 9.32 24.78
CA GLN D 51 -23.99 10.77 24.63
C GLN D 51 -22.74 11.14 23.79
N GLN D 52 -21.56 10.78 24.32
CA GLN D 52 -20.30 10.94 23.60
C GLN D 52 -20.44 10.55 22.16
N ALA D 53 -20.73 9.27 21.93
CA ALA D 53 -20.79 8.75 20.58
C ALA D 53 -21.37 9.85 19.63
N GLN D 54 -22.57 10.33 19.94
CA GLN D 54 -23.22 11.42 19.22
C GLN D 54 -22.51 12.77 19.11
N ASN D 55 -21.95 13.32 20.22
CA ASN D 55 -21.13 14.56 20.12
C ASN D 55 -20.09 14.45 19.04
N VAL D 56 -19.41 13.31 19.05
CA VAL D 56 -18.32 13.06 18.15
C VAL D 56 -18.83 12.95 16.74
N GLN D 57 -19.94 12.25 16.54
CA GLN D 57 -20.49 12.19 15.19
C GLN D 57 -20.89 13.58 14.66
N SER D 58 -21.40 14.39 15.58
CA SER D 58 -21.91 15.70 15.27
C SER D 58 -20.74 16.55 14.78
N TYR D 59 -19.69 16.60 15.60
CA TYR D 59 -18.43 17.23 15.23
C TYR D 59 -18.05 16.86 13.80
N HIS D 60 -18.08 15.59 13.45
CA HIS D 60 -17.60 15.18 12.14
C HIS D 60 -18.59 15.46 11.01
N VAL D 61 -19.88 15.31 11.30
CA VAL D 61 -20.92 15.39 10.26
C VAL D 61 -21.55 16.77 10.16
N ARG D 62 -21.92 17.34 11.31
CA ARG D 62 -22.47 18.70 11.28
C ARG D 62 -21.40 19.73 11.15
N ASN D 63 -20.19 19.49 11.67
CA ASN D 63 -19.15 20.52 11.60
C ASN D 63 -18.18 20.35 10.45
N LEU D 64 -18.13 19.18 9.82
CA LEU D 64 -17.13 18.97 8.77
C LEU D 64 -17.65 18.47 7.45
N GLY D 65 -18.94 18.16 7.41
CA GLY D 65 -19.59 17.71 6.18
C GLY D 65 -19.23 16.29 5.79
N TRP D 66 -18.72 15.52 6.77
CA TRP D 66 -18.41 14.12 6.57
C TRP D 66 -19.69 13.34 6.52
N CYS D 67 -19.64 12.21 5.81
CA CYS D 67 -20.81 11.40 5.52
C CYS D 67 -21.22 10.60 6.71
N ASP D 68 -20.29 10.43 7.66
CA ASP D 68 -20.53 9.59 8.84
C ASP D 68 -19.44 9.88 9.84
N VAL D 69 -19.67 9.51 11.09
CA VAL D 69 -18.62 9.60 12.11
C VAL D 69 -17.35 8.91 11.62
N GLY D 70 -16.22 9.54 11.91
CA GLY D 70 -14.98 9.13 11.29
C GLY D 70 -14.56 7.71 11.58
N TYR D 71 -14.89 7.22 12.76
CA TYR D 71 -14.34 5.96 13.24
C TYR D 71 -15.16 4.75 12.83
N ASN D 72 -14.53 3.59 12.78
CA ASN D 72 -15.31 2.40 12.54
C ASN D 72 -16.01 1.95 13.82
N PHE D 73 -15.31 2.06 14.95
CA PHE D 73 -15.87 1.75 16.22
C PHE D 73 -15.27 2.71 17.24
N LEU D 74 -16.03 3.06 18.27
CA LEU D 74 -15.45 3.71 19.45
C LEU D 74 -15.56 2.80 20.68
N ILE D 75 -14.71 3.05 21.68
CA ILE D 75 -14.73 2.34 22.96
C ILE D 75 -14.99 3.39 24.05
N GLY D 76 -15.88 3.10 24.97
CA GLY D 76 -16.14 3.98 26.10
C GLY D 76 -15.59 3.35 27.36
N GLU D 77 -15.37 4.15 28.39
CA GLU D 77 -14.86 3.60 29.64
C GLU D 77 -16.00 3.01 30.48
N ASP D 78 -17.15 2.85 29.84
CA ASP D 78 -18.27 2.07 30.38
C ASP D 78 -18.06 0.59 30.10
N GLY D 79 -17.08 0.30 29.26
CA GLY D 79 -16.74 -1.08 28.88
C GLY D 79 -17.44 -1.63 27.64
N LEU D 80 -18.03 -0.77 26.85
CA LEU D 80 -18.84 -1.17 25.72
C LEU D 80 -18.24 -0.69 24.42
N VAL D 81 -18.59 -1.33 23.32
CA VAL D 81 -18.12 -0.83 22.05
C VAL D 81 -19.28 -0.19 21.31
N TYR D 82 -18.98 0.95 20.67
CA TYR D 82 -19.96 1.71 19.96
C TYR D 82 -19.76 1.53 18.47
N GLU D 83 -20.78 0.99 17.82
CA GLU D 83 -20.80 0.85 16.35
C GLU D 83 -20.59 2.19 15.71
N GLY D 84 -19.59 2.29 14.85
CA GLY D 84 -19.34 3.48 14.02
C GLY D 84 -19.62 3.15 12.56
N ARG D 85 -18.63 3.33 11.67
CA ARG D 85 -18.79 3.00 10.25
C ARG D 85 -18.82 1.50 10.03
N GLY D 86 -18.25 0.76 10.99
CA GLY D 86 -18.42 -0.70 11.05
C GLY D 86 -17.32 -1.38 10.26
N TRP D 87 -17.40 -2.70 10.19
CA TRP D 87 -16.45 -3.54 9.41
C TRP D 87 -16.36 -3.27 7.91
N ASN D 88 -17.45 -2.85 7.31
CA ASN D 88 -17.56 -2.86 5.86
C ASN D 88 -17.36 -1.52 5.12
N ILE D 89 -17.15 -0.44 5.86
CA ILE D 89 -17.19 0.92 5.32
C ILE D 89 -15.95 1.73 5.66
N LYS D 90 -15.29 2.22 4.63
CA LYS D 90 -14.03 2.95 4.81
C LYS D 90 -14.29 4.21 5.64
N GLY D 91 -13.52 4.33 6.70
CA GLY D 91 -13.68 5.40 7.66
C GLY D 91 -12.68 6.49 7.41
N ALA D 92 -12.69 7.46 8.30
CA ALA D 92 -11.83 8.60 8.13
C ALA D 92 -11.22 8.98 9.47
N HIS D 93 -10.13 8.27 9.79
CA HIS D 93 -9.47 8.39 11.07
C HIS D 93 -7.96 8.46 10.87
N ALA D 94 -7.46 8.00 9.71
CA ALA D 94 -6.00 8.06 9.40
C ALA D 94 -5.52 8.22 7.93
N GLY D 95 -5.82 9.39 7.32
CA GLY D 95 -5.24 9.80 6.02
C GLY D 95 -5.67 8.92 4.86
N PRO D 96 -5.40 9.34 3.61
CA PRO D 96 -5.92 8.51 2.51
C PRO D 96 -5.13 7.24 2.21
N THR D 97 -4.06 6.96 2.96
CA THR D 97 -3.34 5.70 2.78
C THR D 97 -3.79 4.63 3.76
N TRP D 98 -4.05 5.02 5.00
CA TRP D 98 -4.56 4.04 5.97
C TRP D 98 -6.07 3.82 5.94
N ASN D 99 -6.82 4.90 5.73
CA ASN D 99 -8.26 4.77 5.64
C ASN D 99 -8.70 3.57 4.75
N PRO D 100 -8.37 3.55 3.45
CA PRO D 100 -8.93 2.45 2.66
C PRO D 100 -8.52 1.03 3.12
N ILE D 101 -7.43 0.89 3.87
CA ILE D 101 -6.90 -0.46 4.13
C ILE D 101 -6.90 -0.88 5.54
N SER D 102 -7.55 -0.08 6.40
CA SER D 102 -7.58 -0.31 7.85
C SER D 102 -8.92 -0.08 8.58
N ILE D 103 -8.88 -0.18 9.90
CA ILE D 103 -10.01 -0.17 10.82
C ILE D 103 -9.58 0.73 11.95
N GLY D 104 -10.27 1.85 12.12
CA GLY D 104 -9.85 2.87 13.06
C GLY D 104 -10.77 2.74 14.21
N ILE D 105 -10.21 2.35 15.37
CA ILE D 105 -10.99 2.31 16.61
C ILE D 105 -10.53 3.43 17.47
N SER D 106 -11.51 4.13 18.01
CA SER D 106 -11.21 5.26 18.87
C SER D 106 -11.74 5.03 20.25
N PHE D 107 -10.83 5.18 21.20
CA PHE D 107 -11.16 5.21 22.60
C PHE D 107 -11.70 6.59 22.83
N MET D 108 -12.80 6.65 23.59
CA MET D 108 -13.51 7.91 23.85
C MET D 108 -12.98 8.57 25.12
N GLY D 109 -12.02 9.46 24.94
CA GLY D 109 -11.36 10.10 26.06
C GLY D 109 -10.03 10.62 25.58
N ASN D 110 -9.16 10.97 26.53
CA ASN D 110 -7.83 11.47 26.20
C ASN D 110 -6.81 10.89 27.12
N TYR D 111 -5.92 10.09 26.53
CA TYR D 111 -5.06 9.22 27.33
C TYR D 111 -3.63 9.65 27.24
N MET D 112 -3.42 10.96 27.27
CA MET D 112 -2.10 11.51 27.37
C MET D 112 -1.60 11.40 28.81
N ASN D 113 -2.52 11.50 29.75
CA ASN D 113 -2.17 11.43 31.18
C ASN D 113 -2.98 10.31 31.88
N ARG D 114 -4.26 10.25 31.53
CA ARG D 114 -5.16 9.19 31.90
C ARG D 114 -4.80 7.89 31.17
N VAL D 115 -5.13 6.79 31.82
CA VAL D 115 -5.09 5.46 31.24
C VAL D 115 -6.53 4.98 31.14
N PRO D 116 -6.84 4.12 30.17
CA PRO D 116 -8.16 3.49 30.12
C PRO D 116 -8.33 2.39 31.19
N PRO D 117 -9.57 2.13 31.61
CA PRO D 117 -9.78 1.01 32.55
C PRO D 117 -9.67 -0.38 31.88
N PRO D 118 -9.54 -1.45 32.69
CA PRO D 118 -9.53 -2.82 32.20
C PRO D 118 -10.68 -3.10 31.26
N ARG D 119 -11.92 -2.85 31.64
CA ARG D 119 -13.06 -3.09 30.78
C ARG D 119 -13.09 -2.28 29.48
N ALA D 120 -12.39 -1.17 29.41
CA ALA D 120 -12.30 -0.54 28.13
C ALA D 120 -11.35 -1.34 27.28
N LEU D 121 -10.31 -1.86 27.89
CA LEU D 121 -9.23 -2.44 27.17
C LEU D 121 -9.73 -3.80 26.73
N ARG D 122 -10.56 -4.41 27.56
CA ARG D 122 -11.10 -5.74 27.25
C ARG D 122 -12.13 -5.66 26.13
N ALA D 123 -12.87 -4.57 26.11
CA ALA D 123 -13.88 -4.44 25.10
C ALA D 123 -13.20 -4.48 23.74
N ALA D 124 -12.03 -3.84 23.67
CA ALA D 124 -11.37 -3.55 22.41
C ALA D 124 -10.75 -4.81 21.85
N GLN D 125 -10.16 -5.59 22.75
CA GLN D 125 -9.55 -6.81 22.34
C GLN D 125 -10.63 -7.73 21.79
N ASN D 126 -11.66 -7.87 22.59
CA ASN D 126 -12.81 -8.61 22.25
C ASN D 126 -13.38 -8.18 20.87
N LEU D 127 -13.12 -6.96 20.47
CA LEU D 127 -13.77 -6.39 19.32
C LEU D 127 -12.91 -6.80 18.13
N LEU D 128 -11.62 -6.82 18.35
CA LEU D 128 -10.73 -7.31 17.35
C LEU D 128 -10.90 -8.82 17.20
N ALA D 129 -11.00 -9.54 18.30
CA ALA D 129 -11.27 -10.97 18.22
C ALA D 129 -12.54 -11.20 17.42
N CYS D 130 -13.53 -10.36 17.65
CA CYS D 130 -14.77 -10.36 16.94
C CYS D 130 -14.54 -10.21 15.45
N GLY D 131 -13.78 -9.19 15.09
CA GLY D 131 -13.45 -8.93 13.69
C GLY D 131 -12.87 -10.14 13.00
N VAL D 132 -12.09 -10.90 13.75
CA VAL D 132 -11.44 -12.05 13.19
C VAL D 132 -12.38 -13.22 13.02
N ALA D 133 -13.28 -13.45 13.97
CA ALA D 133 -14.19 -14.57 13.86
C ALA D 133 -15.20 -14.36 12.73
N LEU D 134 -15.16 -13.18 12.12
CA LEU D 134 -16.17 -12.78 11.17
C LEU D 134 -15.51 -12.60 9.79
N GLY D 135 -14.18 -12.62 9.78
CA GLY D 135 -13.46 -12.50 8.53
C GLY D 135 -13.41 -11.10 8.01
N ALA D 136 -13.62 -10.15 8.91
CA ALA D 136 -13.55 -8.72 8.63
C ALA D 136 -12.12 -8.29 8.88
N LEU D 137 -11.51 -8.84 9.93
CA LEU D 137 -10.07 -8.67 10.10
C LEU D 137 -9.32 -9.93 9.70
N ARG D 138 -8.11 -9.77 9.17
CA ARG D 138 -7.22 -10.92 8.86
C ARG D 138 -6.74 -11.50 10.07
N SER D 139 -6.79 -12.83 10.16
CA SER D 139 -6.33 -13.55 11.36
C SER D 139 -4.97 -13.09 11.94
N ASN D 140 -4.04 -12.76 11.03
CA ASN D 140 -2.78 -12.15 11.37
C ASN D 140 -2.74 -10.62 11.13
N TYR D 141 -3.85 -9.92 11.45
CA TYR D 141 -3.94 -8.45 11.42
C TYR D 141 -2.92 -7.76 12.30
N GLU D 142 -2.52 -6.56 11.88
CA GLU D 142 -1.55 -5.74 12.60
C GLU D 142 -2.29 -4.56 13.16
N VAL D 143 -1.96 -4.21 14.41
CA VAL D 143 -2.49 -3.04 15.13
C VAL D 143 -1.36 -2.08 15.08
N LYS D 144 -1.69 -0.82 14.77
CA LYS D 144 -0.76 0.30 14.77
C LYS D 144 -1.46 1.41 15.53
N GLY D 145 -0.71 2.21 16.27
CA GLY D 145 -1.25 3.43 16.91
C GLY D 145 -1.32 4.56 15.92
N HIS D 146 -2.04 5.63 16.28
CA HIS D 146 -2.35 6.76 15.37
C HIS D 146 -1.13 7.63 15.12
N ARG D 147 -0.13 7.53 15.98
CA ARG D 147 1.08 8.32 15.87
C ARG D 147 2.15 7.54 15.12
N ASP D 148 1.77 6.34 14.71
CA ASP D 148 2.65 5.52 13.90
C ASP D 148 2.40 5.86 12.46
N VAL D 149 1.20 6.35 12.15
CA VAL D 149 0.79 6.58 10.75
C VAL D 149 0.50 7.99 10.35
N GLN D 150 0.35 8.87 11.34
CA GLN D 150 0.06 10.28 11.07
C GLN D 150 0.63 11.12 12.20
N PRO D 151 1.02 12.34 11.89
CA PRO D 151 1.57 13.20 12.91
C PRO D 151 0.52 13.68 13.90
N THR D 152 0.65 13.18 15.12
CA THR D 152 -0.26 13.51 16.19
C THR D 152 0.16 12.80 17.47
N LEU D 153 -0.25 13.35 18.62
CA LEU D 153 -0.02 12.72 19.90
C LEU D 153 -1.03 11.63 20.15
N SER D 154 -2.07 11.53 19.31
CA SER D 154 -3.08 10.48 19.49
C SER D 154 -2.36 9.18 19.39
N PRO D 155 -2.68 8.20 20.21
CA PRO D 155 -3.85 8.09 21.08
C PRO D 155 -3.50 8.20 22.57
N GLY D 156 -2.57 9.08 22.90
CA GLY D 156 -2.21 9.35 24.29
C GLY D 156 -1.09 8.47 24.83
N ASP D 157 -0.09 9.10 25.46
CA ASP D 157 1.11 8.40 25.91
C ASP D 157 0.76 7.09 26.57
N ARG D 158 0.05 7.21 27.69
CA ARG D 158 -0.18 6.07 28.52
C ARG D 158 -0.88 4.99 27.75
N LEU D 159 -1.70 5.34 26.77
CA LEU D 159 -2.42 4.29 26.03
C LEU D 159 -1.63 3.74 24.85
N TYR D 160 -0.91 4.60 24.16
CA TYR D 160 0.05 4.15 23.20
C TYR D 160 0.91 3.11 23.88
N GLU D 161 1.39 3.42 25.08
CA GLU D 161 2.25 2.50 25.78
C GLU D 161 1.66 1.10 25.86
N ILE D 162 0.37 1.06 26.16
CA ILE D 162 -0.33 -0.17 26.37
C ILE D 162 -0.52 -0.96 25.09
N ILE D 163 -0.94 -0.31 24.01
CA ILE D 163 -1.20 -1.06 22.79
C ILE D 163 0.06 -1.66 22.17
N GLN D 164 1.23 -1.10 22.53
CA GLN D 164 2.52 -1.60 22.10
C GLN D 164 2.85 -2.93 22.77
N THR D 165 2.12 -3.23 23.84
CA THR D 165 2.26 -4.50 24.51
C THR D 165 1.30 -5.53 23.94
N TRP D 166 0.48 -5.14 22.99
CA TRP D 166 -0.49 -6.03 22.40
C TRP D 166 0.21 -6.94 21.51
N SER D 167 -0.31 -8.15 21.38
CA SER D 167 0.37 -9.22 20.61
C SER D 167 0.36 -8.91 19.11
N HIS D 168 -0.71 -8.26 18.66
CA HIS D 168 -0.86 -7.90 17.24
C HIS D 168 -0.26 -6.55 16.89
N TYR D 169 0.41 -5.94 17.87
CA TYR D 169 1.06 -4.68 17.60
C TYR D 169 2.27 -4.76 16.65
N ARG D 170 2.32 -3.81 15.71
CA ARG D 170 3.48 -3.65 14.82
C ARG D 170 3.82 -2.18 14.53
N ALA D 171 4.96 -1.73 15.07
CA ALA D 171 5.52 -0.41 14.76
C ALA D 171 5.51 -0.15 13.28
C1 STE E . -3.21 -11.92 0.04
O1 STE E . -4.06 -12.80 -0.22
O2 STE E . -2.85 -11.64 1.19
C2 STE E . -2.58 -11.15 -1.10
C3 STE E . -1.90 -9.87 -0.71
C4 STE E . -0.75 -10.15 0.23
C5 STE E . 0.63 -10.07 -0.44
C6 STE E . 1.35 -11.40 -0.40
C7 STE E . 2.78 -11.31 -0.88
C8 STE E . 2.77 -11.57 -2.36
C9 STE E . 1.54 -10.88 -2.89
C10 STE E . 1.95 -9.84 -3.92
C11 STE E . 0.89 -8.78 -4.15
C12 STE E . 1.48 -7.45 -3.79
C13 STE E . 1.49 -7.27 -2.27
C14 STE E . 0.85 -5.94 -1.87
C15 STE E . -0.09 -6.04 -0.69
C16 STE E . 0.49 -5.34 0.51
C17 STE E . 1.93 -4.94 0.27
C18 STE E . 2.87 -5.58 1.26
O48 LP5 F . -1.57 14.77 -0.39
P45 LP5 F . -2.87 14.57 0.36
O46 LP5 F . -3.62 15.87 0.44
O47 LP5 F . -3.78 13.54 -0.30
O1 LP5 F . -2.79 14.17 1.95
C1 LP5 F . -1.97 13.01 2.34
C2 LP5 F . -2.13 12.30 3.73
N2 LP5 F . -2.56 13.12 4.91
C7 LP5 F . -2.52 14.45 5.15
C8 LP5 F . -3.09 14.99 6.44
C16 LP5 F . -2.24 14.87 7.70
O44 LP5 F . -2.33 13.52 8.18
C17 LP5 F . -2.90 15.79 8.70
C18 LP5 F . -2.16 15.95 10.02
C19 LP5 F . -2.81 15.16 11.18
C20 LP5 F . -4.26 14.80 10.88
C21 LP5 F . -4.88 13.87 11.93
C22 LP5 F . -6.40 13.89 11.79
C23 LP5 F . -6.87 12.60 11.15
C24 LP5 F . -8.04 12.78 10.20
C25 LP5 F . -7.86 11.85 8.97
C26 LP5 F . -8.40 12.54 7.65
C27 LP5 F . -9.30 11.45 6.95
O7 LP5 F . -1.93 15.25 4.45
C3 LP5 F . -0.91 11.39 4.08
C4 LP5 F . -0.37 10.98 2.67
C5 LP5 F . 0.38 12.18 2.16
O5 LP5 F . -0.58 13.21 1.90
C6 LP5 F . 1.18 11.90 0.90
O6 LP5 F . 2.37 12.70 0.98
O4 LP5 F . 0.44 9.79 2.60
O3 LP5 F . -1.22 10.37 5.09
C28 LP5 F . -1.28 8.90 4.86
O42 LP5 F . -2.31 8.27 5.08
C29 LP5 F . -0.06 8.15 4.36
C30 LP5 F . 0.64 7.29 5.39
O43 LP5 F . 0.65 7.92 6.67
C31 LP5 F . 2.09 7.08 4.94
C32 LP5 F . 2.86 6.24 5.96
C33 LP5 F . 2.45 4.77 5.90
C34 LP5 F . 3.24 3.91 4.90
C35 LP5 F . 4.00 2.75 5.55
C36 LP5 F . 5.01 3.17 6.63
C37 LP5 F . 4.43 3.09 8.06
C38 LP5 F . 4.92 1.90 8.90
C39 LP5 F . 3.95 0.71 8.85
C40 LP5 F . 4.56 -0.52 8.16
C41 LP5 F . 3.98 -0.72 6.76
C1 GOL G . -7.47 13.33 17.80
O1 GOL G . -8.12 14.46 18.31
C2 GOL G . -8.16 12.81 16.57
O2 GOL G . -7.54 13.37 15.46
C3 GOL G . -7.98 11.33 16.53
O3 GOL G . -8.70 10.82 15.45
#